data_9GTU
#
_entry.id   9GTU
#
_cell.length_a   1.00
_cell.length_b   1.00
_cell.length_c   1.00
_cell.angle_alpha   90.00
_cell.angle_beta   90.00
_cell.angle_gamma   90.00
#
_symmetry.space_group_name_H-M   'P 1'
#
loop_
_entity.id
_entity.type
_entity.pdbx_description
1 polymer 'Collagen alpha-3(VI) chain'
2 polymer 'Collagen alpha-2(VI) chain'
3 polymer 'Collagen alpha-1(VI) chain'
4 branched 2-acetamido-2-deoxy-beta-D-glucopyranose-(1-4)-[alpha-L-fucopyranose-(1-6)]2-acetamido-2-deoxy-beta-D-glucopyranose
5 non-polymer 2-acetamido-2-deoxy-beta-D-glucopyranose
6 water water
#
loop_
_entity_poly.entity_id
_entity_poly.type
_entity_poly.pdbx_seq_one_letter_code
_entity_poly.pdbx_strand_id
1 'polypeptide(L)'
;DYKDDDDKGGGGSGGGGSGPPGIVGQKGRPGYPGPAGPRGNRGDSIDQCALIQSIKDKCPCCYGPLECPVFPTELAFALD
TSEGVNQDTFGRMRDVVLSIVNVLTIAESNCPTGARVAVVTYNNEVTTEIRFADSKRKSVLLDKIKNLQVALTSKQQSLE
TAMSFVARNTFKRVRNGFLMRKVAVFFSNTPTRASPQLREAVLKLSDAGITPLFLTRQEDRQLINALQINNTAVGHALVL
PAGRDLTDFLENVLTCHVCLDICNIDPSCGFGSWRPSFRDAAAAGSDVDIDMAFILDSAETTTLFQFNEMKKYIAYLVRQ
LDMSPDPKASQHFARVAVVQHAPSESVDNASMPPVKVEFSLTDYGSKEKLVDFLSRGMTQLQGTRALGSAIEYTIENVFE
SAPNPRDLKIVVLMLTGEVPEQQLEEAQRVILQAKCKGYFFVVLGIGRKVNIKEVYTFASEPNDVFFKLVDKSTELNEEP
LMRFGRLLPSFV
;
C
2 'polypeptide(L)'
;SAWSHPQFEKGGGGSGGGGSGEPGPRGPRGVPGPEGEPGPPGDPGLTECDVMTYVRETCGCCDCEKRCGALDVVFVIDSS
ESIGYTNFTLEKNFVINVVNRLGAIAKDPKSETGTRVGVVQYSHEGTFEAIQLDDEHIDSLSSFKEAVKNLEWIAGGTWT
PSALKFAYDRLIKESRRQKTRVFAVVITDGRHDPRDDDLNLRALCDRDVTVTAIGIGDMFHEKHESENLYSIACDKPQQV
RNMTLFSDLVAEKFIDDMEDVLCPDPQIVCPDLPCQTELSVAQCTQRPVDIVFLLDGSERLGEQNFHKARRFVEQVARRL
TLARRDDDPLNARVALLQFGGPGEQQVAFPLSHNLTAIHEALETTQYLNSFSHVGAGVVHAINAIVRSPRGGARRHAELS
FVFLTDGVTGNDSLHESAHSMRNENVVPTVLALGSDVDMDVLTTLSLGDRAAVFHEKDYDSLAQPGFFDRFIRWIC
;
B
3 'polypeptide(L)'
;HHHHHHGGGGSGGGGSGVKGAKGYRGPEGPQGPPGHQGPPGPDECEILDIIMKMCSCCECKCGPIDLLFVLDSSESIGLQ
NFEIAKDFVVKVIDRLSRDELVKFEPGQSYAGVVQYSHSQMQEHVSLRSPSIRNVQELKEAIKSLQWMAGGTFTGEALQY
TRDQLLPPSPNNRIALVITDGRSDTQRDTTPLNVLCSPGIQVVSVGIKDVFDFIPGSDQLNVISCQGLAPSQGRPGLSLV
KENYAELLEDAFLKNVTAQICIDKKCPDYTCPITFSSPADITILLDGSASVGSHNFDTTKRFAKRLAERFLTAGRTDPAH
DVRVAVVQYSGTGQQRPERASLQFLQNYTALASAVDAMDFINDATDVNDALGYVTRFYREASSGAAKKRLLLFSDGNSQG
ATPAAIEKAVQEAQRAGIEIFVVVVGRQVNEPHIRVLVTGKTAEYDVAYGESHLFRVPSYQALLRGVFHQTVSRKVALG
;
A
#
# COMPACT_ATOMS: atom_id res chain seq x y z
N ARG A 39 7.55 3.42 30.81
CA ARG A 39 7.40 3.84 29.43
C ARG A 39 7.51 2.63 28.49
N GLY A 40 8.68 2.45 27.90
CA GLY A 40 8.89 1.31 27.01
C GLY A 40 8.53 1.62 25.57
N ASN A 41 9.26 0.97 24.66
CA ASN A 41 8.99 1.16 23.23
C ASN A 41 7.85 0.24 22.79
N ARG A 42 8.07 -1.07 22.84
CA ARG A 42 7.03 -2.05 22.55
C ARG A 42 7.55 -3.47 22.78
N GLY A 43 6.64 -4.44 22.80
CA GLY A 43 7.01 -5.82 23.03
C GLY A 43 7.39 -6.54 21.76
N ASP A 44 7.67 -7.83 21.91
CA ASP A 44 8.06 -8.70 20.80
C ASP A 44 6.93 -9.64 20.48
N SER A 45 6.49 -9.65 19.23
CA SER A 45 5.41 -10.53 18.81
C SER A 45 5.89 -11.98 18.80
N ILE A 46 5.02 -12.88 19.26
CA ILE A 46 5.34 -14.30 19.29
C ILE A 46 5.28 -14.84 17.87
N ASP A 47 5.82 -16.04 17.67
CA ASP A 47 5.83 -16.63 16.34
C ASP A 47 4.40 -16.83 15.84
N GLN A 48 4.13 -16.41 14.61
CA GLN A 48 2.79 -16.51 14.06
C GLN A 48 2.37 -17.96 13.89
N CYS A 49 3.26 -18.81 13.35
CA CYS A 49 2.90 -20.20 13.12
C CYS A 49 2.62 -20.92 14.43
N ALA A 50 3.41 -20.63 15.47
CA ALA A 50 3.16 -21.27 16.76
C ALA A 50 1.77 -20.93 17.28
N LEU A 51 1.38 -19.65 17.19
CA LEU A 51 0.05 -19.26 17.65
C LEU A 51 -1.03 -19.90 16.78
N ILE A 52 -0.84 -19.94 15.47
CA ILE A 52 -1.84 -20.53 14.60
C ILE A 52 -2.02 -22.01 14.94
N GLN A 53 -0.92 -22.73 15.16
CA GLN A 53 -1.01 -24.13 15.53
C GLN A 53 -1.70 -24.30 16.88
N SER A 54 -1.33 -23.47 17.87
CA SER A 54 -2.00 -23.53 19.16
C SER A 54 -3.48 -23.21 19.03
N ILE A 55 -3.87 -22.49 17.99
CA ILE A 55 -5.28 -22.20 17.78
C ILE A 55 -5.99 -23.39 17.16
N LYS A 56 -5.50 -23.88 16.03
CA LYS A 56 -6.22 -24.90 15.28
C LYS A 56 -6.23 -26.27 15.98
N ASP A 57 -5.84 -26.39 17.24
CA ASP A 57 -5.97 -27.62 18.01
C ASP A 57 -6.79 -27.46 19.27
N LYS A 58 -7.19 -26.23 19.63
CA LYS A 58 -8.06 -25.95 20.76
C LYS A 58 -9.19 -25.05 20.32
N CYS A 59 -9.83 -25.40 19.20
CA CYS A 59 -10.79 -24.57 18.51
C CYS A 59 -11.92 -25.40 17.94
N PRO A 60 -13.12 -25.37 18.51
CA PRO A 60 -14.22 -26.13 17.91
C PRO A 60 -14.85 -25.38 16.73
N CYS A 61 -14.00 -24.76 15.90
CA CYS A 61 -14.46 -24.13 14.68
C CYS A 61 -13.49 -24.32 13.52
N CYS A 62 -12.40 -25.07 13.71
CA CYS A 62 -11.37 -25.23 12.69
C CYS A 62 -11.21 -26.67 12.22
N TYR A 63 -11.32 -27.65 13.12
CA TYR A 63 -11.16 -29.06 12.74
C TYR A 63 -12.50 -29.63 12.28
N GLY A 64 -12.98 -29.08 11.16
CA GLY A 64 -14.15 -29.59 10.50
C GLY A 64 -13.84 -29.89 9.04
N PRO A 65 -14.56 -29.26 8.11
CA PRO A 65 -14.21 -29.42 6.70
C PRO A 65 -12.90 -28.72 6.38
N LEU A 66 -12.26 -29.19 5.32
CA LEU A 66 -10.96 -28.66 4.89
C LEU A 66 -11.18 -27.65 3.78
N GLU A 67 -11.52 -26.43 4.19
CA GLU A 67 -11.64 -25.33 3.24
C GLU A 67 -10.28 -25.02 2.63
N CYS A 68 -10.28 -24.66 1.33
CA CYS A 68 -9.00 -24.39 0.67
C CYS A 68 -8.41 -23.07 1.11
N PRO A 69 -9.11 -21.92 1.01
CA PRO A 69 -8.50 -20.61 1.26
C PRO A 69 -8.33 -20.30 2.74
N VAL A 70 -7.73 -21.24 3.49
CA VAL A 70 -7.44 -20.98 4.89
C VAL A 70 -6.49 -19.78 4.99
N PHE A 71 -6.46 -19.18 6.17
CA PHE A 71 -5.72 -17.93 6.32
C PHE A 71 -6.23 -16.93 5.29
N PRO A 72 -7.41 -16.32 5.52
CA PRO A 72 -8.11 -15.60 4.44
C PRO A 72 -7.21 -14.82 3.50
N THR A 73 -7.54 -14.83 2.21
CA THR A 73 -6.72 -14.22 1.19
C THR A 73 -7.56 -13.34 0.28
N GLU A 74 -6.91 -12.31 -0.26
CA GLU A 74 -7.46 -11.52 -1.35
C GLU A 74 -6.83 -12.04 -2.63
N LEU A 75 -7.62 -12.73 -3.45
CA LEU A 75 -7.11 -13.38 -4.65
C LEU A 75 -7.41 -12.50 -5.86
N ALA A 76 -6.37 -12.01 -6.50
CA ALA A 76 -6.51 -11.19 -7.70
C ALA A 76 -6.16 -12.03 -8.91
N PHE A 77 -7.05 -12.04 -9.90
CA PHE A 77 -6.87 -12.80 -11.13
C PHE A 77 -6.65 -11.82 -12.26
N ALA A 78 -5.43 -11.75 -12.78
CA ALA A 78 -5.07 -10.82 -13.84
C ALA A 78 -5.15 -11.56 -15.18
N LEU A 79 -6.37 -11.65 -15.70
CA LEU A 79 -6.62 -12.34 -16.95
C LEU A 79 -5.85 -11.68 -18.09
N ASP A 80 -5.18 -12.50 -18.89
CA ASP A 80 -4.35 -12.02 -19.99
C ASP A 80 -5.23 -11.83 -21.22
N THR A 81 -5.57 -10.59 -21.53
CA THR A 81 -6.36 -10.25 -22.72
C THR A 81 -5.48 -9.59 -23.78
N SER A 82 -4.23 -10.04 -23.87
CA SER A 82 -3.25 -9.45 -24.77
C SER A 82 -3.25 -10.19 -26.11
N GLU A 83 -2.33 -9.79 -26.98
CA GLU A 83 -2.18 -10.46 -28.26
C GLU A 83 -1.75 -11.91 -28.05
N GLY A 84 -2.14 -12.76 -28.99
CA GLY A 84 -1.89 -14.18 -28.87
C GLY A 84 -2.90 -14.93 -28.03
N VAL A 85 -3.92 -14.25 -27.51
CA VAL A 85 -4.99 -14.88 -26.75
C VAL A 85 -6.25 -14.84 -27.62
N ASN A 86 -6.73 -16.02 -27.99
CA ASN A 86 -7.92 -16.17 -28.84
C ASN A 86 -9.08 -16.70 -28.00
N GLN A 87 -10.18 -17.01 -28.68
CA GLN A 87 -11.36 -17.53 -27.99
C GLN A 87 -11.01 -18.77 -27.17
N ASP A 88 -10.27 -19.71 -27.78
CA ASP A 88 -9.92 -20.94 -27.08
C ASP A 88 -9.01 -20.67 -25.89
N THR A 89 -8.01 -19.80 -26.06
CA THR A 89 -7.09 -19.51 -24.97
C THR A 89 -7.81 -18.86 -23.79
N PHE A 90 -8.66 -17.87 -24.08
CA PHE A 90 -9.41 -17.23 -23.00
C PHE A 90 -10.37 -18.23 -22.37
N GLY A 91 -10.98 -19.10 -23.16
CA GLY A 91 -11.82 -20.13 -22.58
C GLY A 91 -11.06 -21.01 -21.59
N ARG A 92 -9.87 -21.45 -22.00
CA ARG A 92 -9.06 -22.28 -21.10
C ARG A 92 -8.68 -21.51 -19.84
N MET A 93 -8.27 -20.25 -19.99
CA MET A 93 -7.85 -19.46 -18.84
C MET A 93 -9.01 -19.24 -17.88
N ARG A 94 -10.18 -18.89 -18.42
CA ARG A 94 -11.36 -18.69 -17.60
C ARG A 94 -11.80 -19.99 -16.95
N ASP A 95 -11.61 -21.13 -17.61
CA ASP A 95 -11.94 -22.40 -16.98
C ASP A 95 -10.99 -22.70 -15.83
N VAL A 96 -9.71 -22.36 -15.97
CA VAL A 96 -8.77 -22.53 -14.86
C VAL A 96 -9.20 -21.67 -13.69
N VAL A 97 -9.54 -20.40 -13.97
CA VAL A 97 -10.02 -19.50 -12.92
C VAL A 97 -11.28 -20.05 -12.28
N LEU A 98 -12.18 -20.60 -13.10
CA LEU A 98 -13.43 -21.14 -12.57
C LEU A 98 -13.19 -22.33 -11.67
N SER A 99 -12.27 -23.22 -12.06
CA SER A 99 -11.93 -24.35 -11.20
C SER A 99 -11.37 -23.86 -9.87
N ILE A 100 -10.44 -22.91 -9.92
CA ILE A 100 -9.83 -22.42 -8.68
C ILE A 100 -10.90 -21.81 -7.78
N VAL A 101 -11.74 -20.93 -8.33
CA VAL A 101 -12.74 -20.27 -7.50
C VAL A 101 -13.81 -21.26 -7.03
N ASN A 102 -14.06 -22.31 -7.82
CA ASN A 102 -14.95 -23.37 -7.35
C ASN A 102 -14.39 -24.03 -6.11
N VAL A 103 -13.07 -24.24 -6.09
CA VAL A 103 -12.45 -24.82 -4.90
C VAL A 103 -12.61 -23.90 -3.70
N LEU A 104 -12.40 -22.59 -3.90
CA LEU A 104 -12.39 -21.65 -2.79
C LEU A 104 -13.77 -21.51 -2.16
N THR A 105 -13.82 -20.72 -1.08
CA THR A 105 -15.04 -20.39 -0.36
C THR A 105 -15.08 -18.88 -0.20
N ILE A 106 -15.95 -18.22 -0.96
CA ILE A 106 -15.96 -16.77 -1.01
C ILE A 106 -16.59 -16.20 0.26
N ALA A 107 -15.99 -15.12 0.77
CA ALA A 107 -16.52 -14.48 1.97
C ALA A 107 -17.91 -13.93 1.72
N GLU A 108 -18.79 -14.09 2.70
CA GLU A 108 -20.17 -13.64 2.60
C GLU A 108 -20.60 -12.94 3.88
N SER A 109 -19.73 -12.10 4.43
CA SER A 109 -20.02 -11.37 5.66
C SER A 109 -18.86 -10.45 5.95
N ASN A 110 -19.05 -9.61 6.98
CA ASN A 110 -17.99 -8.72 7.43
C ASN A 110 -16.84 -9.45 8.11
N CYS A 111 -17.06 -10.69 8.51
CA CYS A 111 -16.05 -11.41 9.28
C CYS A 111 -14.83 -11.73 8.41
N PRO A 112 -13.62 -11.63 8.94
CA PRO A 112 -12.42 -11.82 8.10
C PRO A 112 -12.06 -13.28 7.89
N THR A 113 -12.72 -13.90 6.91
CA THR A 113 -12.46 -15.29 6.55
C THR A 113 -12.83 -15.48 5.10
N GLY A 114 -12.37 -16.59 4.53
CA GLY A 114 -12.63 -16.90 3.15
C GLY A 114 -11.86 -16.00 2.21
N ALA A 115 -11.76 -16.40 0.94
CA ALA A 115 -10.99 -15.65 -0.04
C ALA A 115 -11.91 -14.72 -0.81
N ARG A 116 -11.52 -13.46 -0.93
CA ARG A 116 -12.28 -12.47 -1.69
C ARG A 116 -11.60 -12.31 -3.04
N VAL A 117 -12.35 -12.51 -4.12
CA VAL A 117 -11.80 -12.62 -5.46
C VAL A 117 -12.04 -11.32 -6.21
N ALA A 118 -10.97 -10.78 -6.80
CA ALA A 118 -11.04 -9.63 -7.69
C ALA A 118 -10.45 -10.02 -9.03
N VAL A 119 -11.27 -10.05 -10.06
CA VAL A 119 -10.86 -10.45 -11.40
C VAL A 119 -10.68 -9.20 -12.23
N VAL A 120 -9.45 -8.90 -12.59
CA VAL A 120 -9.14 -7.81 -13.51
C VAL A 120 -8.60 -8.43 -14.79
N THR A 121 -8.64 -7.65 -15.86
CA THR A 121 -8.07 -8.08 -17.14
C THR A 121 -7.02 -7.06 -17.56
N TYR A 122 -5.83 -7.55 -17.89
CA TYR A 122 -4.69 -6.68 -18.12
C TYR A 122 -4.17 -6.83 -19.55
N ASN A 123 -3.85 -5.70 -20.15
CA ASN A 123 -3.18 -5.58 -21.43
C ASN A 123 -2.33 -4.32 -21.36
N ASN A 124 -1.98 -3.75 -22.51
CA ASN A 124 -1.27 -2.47 -22.50
C ASN A 124 -1.87 -1.53 -21.47
N GLU A 125 -3.17 -1.66 -21.21
CA GLU A 125 -3.83 -1.04 -20.08
C GLU A 125 -4.43 -2.13 -19.19
N VAL A 126 -4.97 -1.71 -18.04
CA VAL A 126 -5.56 -2.61 -17.06
C VAL A 126 -6.98 -2.15 -16.79
N THR A 127 -7.90 -3.12 -16.64
CA THR A 127 -9.28 -2.80 -16.34
C THR A 127 -9.81 -3.78 -15.30
N THR A 128 -10.78 -3.31 -14.51
CA THR A 128 -11.36 -4.10 -13.43
C THR A 128 -12.72 -4.62 -13.87
N GLU A 129 -12.91 -5.93 -13.75
CA GLU A 129 -14.18 -6.58 -14.06
C GLU A 129 -14.96 -6.98 -12.81
N ILE A 130 -14.29 -7.53 -11.82
CA ILE A 130 -14.91 -7.86 -10.54
C ILE A 130 -14.08 -7.21 -9.45
N ARG A 131 -14.74 -6.52 -8.53
CA ARG A 131 -14.06 -5.85 -7.43
C ARG A 131 -14.13 -6.71 -6.18
N PHE A 132 -13.27 -6.39 -5.21
CA PHE A 132 -13.23 -7.16 -3.98
C PHE A 132 -14.58 -7.12 -3.25
N ALA A 133 -15.20 -5.94 -3.20
CA ALA A 133 -16.49 -5.79 -2.54
C ALA A 133 -17.65 -6.29 -3.40
N ASP A 134 -17.42 -6.57 -4.68
CA ASP A 134 -18.49 -7.08 -5.53
C ASP A 134 -18.81 -8.54 -5.25
N SER A 135 -17.88 -9.29 -4.63
CA SER A 135 -18.08 -10.72 -4.37
C SER A 135 -18.89 -10.89 -3.09
N LYS A 136 -20.17 -10.54 -3.18
CA LYS A 136 -21.06 -10.68 -2.04
C LYS A 136 -21.42 -12.14 -1.78
N ARG A 137 -21.62 -12.91 -2.85
CA ARG A 137 -21.96 -14.32 -2.72
C ARG A 137 -21.13 -15.13 -3.72
N LYS A 138 -20.90 -16.40 -3.39
CA LYS A 138 -20.17 -17.27 -4.29
C LYS A 138 -20.93 -17.50 -5.58
N SER A 139 -22.24 -17.68 -5.50
CA SER A 139 -23.02 -18.00 -6.69
C SER A 139 -23.00 -16.86 -7.70
N VAL A 140 -23.21 -15.63 -7.24
CA VAL A 140 -23.22 -14.49 -8.16
C VAL A 140 -21.83 -14.25 -8.70
N LEU A 141 -20.79 -14.47 -7.88
CA LEU A 141 -19.43 -14.32 -8.37
C LEU A 141 -19.13 -15.33 -9.48
N LEU A 142 -19.54 -16.59 -9.29
CA LEU A 142 -19.34 -17.60 -10.32
C LEU A 142 -20.13 -17.26 -11.57
N ASP A 143 -21.35 -16.76 -11.41
CA ASP A 143 -22.13 -16.36 -12.57
C ASP A 143 -21.45 -15.23 -13.33
N LYS A 144 -20.89 -14.25 -12.60
CA LYS A 144 -20.18 -13.16 -13.26
C LYS A 144 -18.96 -13.67 -14.00
N ILE A 145 -18.20 -14.58 -13.39
CA ILE A 145 -17.00 -15.10 -14.04
C ILE A 145 -17.37 -15.89 -15.29
N LYS A 146 -18.40 -16.75 -15.19
CA LYS A 146 -18.82 -17.53 -16.35
C LYS A 146 -19.32 -16.62 -17.46
N ASN A 147 -20.11 -15.61 -17.11
CA ASN A 147 -20.65 -14.68 -18.10
C ASN A 147 -19.64 -13.61 -18.50
N LEU A 148 -18.49 -13.54 -17.83
CA LEU A 148 -17.47 -12.57 -18.20
C LEU A 148 -17.00 -12.83 -19.63
N GLN A 149 -17.31 -11.91 -20.52
CA GLN A 149 -17.01 -12.04 -21.94
C GLN A 149 -16.29 -10.80 -22.44
N VAL A 150 -15.29 -10.35 -21.68
CA VAL A 150 -14.54 -9.15 -22.07
C VAL A 150 -13.97 -9.35 -23.47
N ALA A 151 -14.14 -8.35 -24.32
CA ALA A 151 -13.70 -8.46 -25.70
C ALA A 151 -12.18 -8.61 -25.77
N LEU A 152 -11.72 -9.46 -26.67
CA LEU A 152 -10.29 -9.65 -26.87
C LEU A 152 -9.68 -8.40 -27.47
N THR A 153 -8.52 -8.01 -26.95
CA THR A 153 -7.81 -6.84 -27.42
C THR A 153 -6.69 -7.24 -28.39
N SER A 154 -6.17 -6.25 -29.08
CA SER A 154 -5.07 -6.42 -30.04
C SER A 154 -3.88 -5.56 -29.65
N LYS A 155 -3.54 -5.54 -28.37
CA LYS A 155 -2.45 -4.72 -27.85
C LYS A 155 -1.51 -5.60 -27.03
N GLN A 156 -0.27 -5.12 -26.91
CA GLN A 156 0.80 -5.90 -26.32
C GLN A 156 0.48 -6.25 -24.86
N GLN A 157 1.31 -7.13 -24.30
CA GLN A 157 1.15 -7.61 -22.93
C GLN A 157 2.04 -6.76 -22.02
N SER A 158 1.42 -5.85 -21.29
CA SER A 158 2.13 -5.05 -20.30
C SER A 158 1.97 -5.67 -18.92
N LEU A 159 2.54 -6.88 -18.78
CA LEU A 159 2.40 -7.63 -17.53
C LEU A 159 2.96 -6.84 -16.36
N GLU A 160 4.04 -6.10 -16.58
CA GLU A 160 4.60 -5.26 -15.52
C GLU A 160 3.60 -4.19 -15.08
N THR A 161 2.91 -3.59 -16.04
CA THR A 161 1.84 -2.65 -15.70
C THR A 161 0.76 -3.35 -14.88
N ALA A 162 0.45 -4.59 -15.22
CA ALA A 162 -0.52 -5.35 -14.45
C ALA A 162 -0.07 -5.52 -13.00
N MET A 163 1.21 -5.88 -12.80
CA MET A 163 1.71 -6.03 -11.43
C MET A 163 1.63 -4.71 -10.68
N SER A 164 2.04 -3.61 -11.33
CA SER A 164 2.02 -2.32 -10.65
C SER A 164 0.60 -1.93 -10.26
N PHE A 165 -0.34 -2.08 -11.19
CA PHE A 165 -1.72 -1.72 -10.92
C PHE A 165 -2.32 -2.58 -9.82
N VAL A 166 -2.02 -3.88 -9.83
CA VAL A 166 -2.58 -4.77 -8.82
C VAL A 166 -1.99 -4.43 -7.45
N ALA A 167 -0.68 -4.18 -7.39
CA ALA A 167 -0.05 -3.87 -6.12
C ALA A 167 -0.55 -2.56 -5.55
N ARG A 168 -0.73 -1.54 -6.40
CA ARG A 168 -1.03 -0.20 -5.92
C ARG A 168 -2.53 0.03 -5.79
N ASN A 169 -3.29 -0.16 -6.88
CA ASN A 169 -4.69 0.21 -6.91
C ASN A 169 -5.60 -0.92 -6.39
N THR A 170 -5.53 -2.09 -7.03
CA THR A 170 -6.48 -3.15 -6.71
C THR A 170 -6.37 -3.57 -5.24
N PHE A 171 -5.15 -3.70 -4.74
CA PHE A 171 -4.92 -4.12 -3.36
C PHE A 171 -4.77 -2.94 -2.41
N LYS A 172 -5.26 -1.76 -2.79
CA LYS A 172 -5.15 -0.60 -1.92
C LYS A 172 -6.02 -0.79 -0.68
N ARG A 173 -7.34 -0.91 -0.87
CA ARG A 173 -8.28 -1.13 0.22
C ARG A 173 -8.53 -2.63 0.34
N VAL A 174 -7.97 -3.25 1.38
CA VAL A 174 -8.16 -4.66 1.66
C VAL A 174 -8.51 -4.81 3.14
N ARG A 175 -9.07 -5.97 3.48
CA ARG A 175 -9.54 -6.17 4.85
C ARG A 175 -8.38 -6.14 5.83
N ASN A 176 -8.66 -5.65 7.03
CA ASN A 176 -7.65 -5.64 8.09
C ASN A 176 -7.38 -7.06 8.56
N GLY A 177 -6.09 -7.40 8.67
CA GLY A 177 -5.70 -8.70 9.20
C GLY A 177 -4.20 -8.89 9.17
N PHE A 178 -3.65 -9.41 10.27
CA PHE A 178 -2.20 -9.65 10.31
C PHE A 178 -1.83 -10.91 9.55
N LEU A 179 -2.64 -11.96 9.64
CA LEU A 179 -2.39 -13.20 8.92
C LEU A 179 -3.21 -13.31 7.65
N MET A 180 -3.78 -12.20 7.18
CA MET A 180 -4.36 -12.16 5.85
C MET A 180 -3.27 -12.31 4.80
N ARG A 181 -3.64 -12.88 3.66
CA ARG A 181 -2.70 -13.13 2.58
C ARG A 181 -3.14 -12.38 1.33
N LYS A 182 -2.16 -11.90 0.57
CA LYS A 182 -2.40 -11.21 -0.69
C LYS A 182 -1.77 -12.03 -1.81
N VAL A 183 -2.60 -12.63 -2.65
CA VAL A 183 -2.15 -13.51 -3.71
C VAL A 183 -2.73 -13.03 -5.03
N ALA A 184 -1.89 -12.94 -6.06
CA ALA A 184 -2.31 -12.59 -7.40
C ALA A 184 -1.87 -13.70 -8.35
N VAL A 185 -2.80 -14.16 -9.20
CA VAL A 185 -2.50 -15.21 -10.16
C VAL A 185 -2.45 -14.60 -11.54
N PHE A 186 -1.28 -14.16 -11.97
CA PHE A 186 -1.11 -13.63 -13.30
C PHE A 186 -1.00 -14.76 -14.31
N PHE A 187 -1.68 -14.61 -15.44
CA PHE A 187 -1.60 -15.55 -16.54
C PHE A 187 -0.82 -14.89 -17.67
N SER A 188 0.12 -15.64 -18.25
CA SER A 188 0.97 -15.11 -19.32
C SER A 188 1.06 -16.13 -20.44
N ASN A 189 0.97 -15.63 -21.68
CA ASN A 189 1.11 -16.46 -22.87
C ASN A 189 2.27 -16.05 -23.75
N THR A 190 2.47 -14.74 -23.94
CA THR A 190 3.62 -14.26 -24.71
C THR A 190 4.81 -14.06 -23.79
N PRO A 191 5.94 -14.70 -24.05
CA PRO A 191 7.06 -14.63 -23.10
C PRO A 191 7.50 -13.18 -22.86
N THR A 192 7.90 -12.90 -21.64
CA THR A 192 8.24 -11.53 -21.23
C THR A 192 9.62 -11.17 -21.76
N ARG A 193 10.10 -9.99 -21.37
CA ARG A 193 11.41 -9.50 -21.78
CA ARG A 193 11.41 -9.50 -21.78
C ARG A 193 12.16 -8.99 -20.55
N ALA A 194 13.49 -9.09 -20.61
CA ALA A 194 14.34 -8.65 -19.50
C ALA A 194 14.51 -7.14 -19.58
N SER A 195 13.80 -6.42 -18.72
CA SER A 195 13.87 -4.97 -18.66
C SER A 195 13.90 -4.54 -17.19
N PRO A 196 14.47 -3.36 -16.90
CA PRO A 196 14.47 -2.90 -15.51
C PRO A 196 13.07 -2.72 -14.92
N GLN A 197 12.11 -2.30 -15.75
CA GLN A 197 10.76 -2.10 -15.24
C GLN A 197 10.18 -3.39 -14.67
N LEU A 198 10.59 -4.54 -15.19
CA LEU A 198 10.13 -5.81 -14.64
C LEU A 198 10.60 -5.97 -13.21
N ARG A 199 11.87 -5.66 -12.95
CA ARG A 199 12.37 -5.71 -11.57
C ARG A 199 11.68 -4.68 -10.71
N GLU A 200 11.41 -3.49 -11.25
CA GLU A 200 10.71 -2.46 -10.50
C GLU A 200 9.35 -2.96 -10.05
N ALA A 201 8.60 -3.58 -10.98
CA ALA A 201 7.27 -4.06 -10.66
C ALA A 201 7.33 -5.23 -9.68
N VAL A 202 8.34 -6.09 -9.80
CA VAL A 202 8.48 -7.20 -8.85
C VAL A 202 8.73 -6.65 -7.45
N LEU A 203 9.59 -5.63 -7.35
CA LEU A 203 9.85 -5.00 -6.06
C LEU A 203 8.59 -4.35 -5.51
N LYS A 204 7.79 -3.73 -6.38
CA LYS A 204 6.53 -3.14 -5.93
C LYS A 204 5.59 -4.21 -5.38
N LEU A 205 5.48 -5.34 -6.09
CA LEU A 205 4.68 -6.44 -5.58
C LEU A 205 5.16 -6.88 -4.20
N SER A 206 6.47 -7.07 -4.06
CA SER A 206 7.01 -7.51 -2.78
C SER A 206 6.72 -6.50 -1.68
N ASP A 207 6.90 -5.21 -1.97
CA ASP A 207 6.67 -4.17 -0.97
C ASP A 207 5.21 -4.15 -0.55
N ALA A 208 4.28 -4.26 -1.50
CA ALA A 208 2.86 -4.20 -1.18
C ALA A 208 2.40 -5.40 -0.37
N GLY A 209 3.21 -6.44 -0.24
CA GLY A 209 2.82 -7.62 0.51
C GLY A 209 2.06 -8.65 -0.28
N ILE A 210 2.21 -8.66 -1.60
CA ILE A 210 1.45 -9.52 -2.49
C ILE A 210 2.39 -10.57 -3.06
N THR A 211 2.01 -11.85 -2.92
CA THR A 211 2.82 -12.94 -3.41
C THR A 211 2.35 -13.33 -4.80
N PRO A 212 3.13 -13.12 -5.85
CA PRO A 212 2.64 -13.37 -7.21
C PRO A 212 2.70 -14.85 -7.56
N LEU A 213 2.08 -15.18 -8.70
CA LEU A 213 2.07 -16.54 -9.21
C LEU A 213 1.75 -16.46 -10.70
N PHE A 214 2.73 -16.79 -11.55
CA PHE A 214 2.62 -16.62 -12.99
C PHE A 214 2.44 -17.98 -13.64
N LEU A 215 1.20 -18.30 -14.04
CA LEU A 215 0.90 -19.56 -14.71
C LEU A 215 1.20 -19.42 -16.20
N THR A 216 2.49 -19.28 -16.49
CA THR A 216 2.92 -19.04 -17.86
C THR A 216 2.56 -20.20 -18.76
N ARG A 217 2.21 -19.90 -20.01
CA ARG A 217 2.01 -20.95 -21.00
C ARG A 217 3.33 -21.55 -21.44
N GLN A 218 4.36 -20.73 -21.60
CA GLN A 218 5.68 -21.17 -22.02
C GLN A 218 6.72 -20.65 -21.04
N GLU A 219 7.86 -21.33 -21.01
CA GLU A 219 8.93 -20.99 -20.06
C GLU A 219 9.76 -19.84 -20.63
N ASP A 220 9.73 -18.71 -19.93
CA ASP A 220 10.57 -17.56 -20.26
C ASP A 220 11.58 -17.37 -19.15
N ARG A 221 12.87 -17.47 -19.49
CA ARG A 221 13.92 -17.38 -18.47
CA ARG A 221 13.92 -17.38 -18.47
C ARG A 221 14.02 -15.98 -17.88
N GLN A 222 13.78 -14.95 -18.68
CA GLN A 222 13.91 -13.59 -18.18
C GLN A 222 13.01 -13.35 -16.97
N LEU A 223 11.75 -13.77 -17.06
CA LEU A 223 10.82 -13.52 -15.95
C LEU A 223 11.26 -14.28 -14.71
N ILE A 224 11.47 -15.59 -14.82
CA ILE A 224 11.81 -16.38 -13.65
C ILE A 224 13.11 -15.88 -13.02
N ASN A 225 14.00 -15.33 -13.84
CA ASN A 225 15.18 -14.66 -13.28
C ASN A 225 14.79 -13.40 -12.53
N ALA A 226 13.82 -12.65 -13.06
CA ALA A 226 13.39 -11.43 -12.39
C ALA A 226 12.76 -11.74 -11.03
N LEU A 227 11.93 -12.78 -10.96
CA LEU A 227 11.37 -13.18 -9.68
C LEU A 227 12.43 -13.62 -8.69
N GLN A 228 13.65 -13.89 -9.15
CA GLN A 228 14.67 -14.44 -8.27
C GLN A 228 15.33 -13.35 -7.44
N ILE A 229 14.53 -12.52 -6.79
CA ILE A 229 14.95 -11.74 -5.63
C ILE A 229 14.26 -12.42 -4.45
N ASN A 230 15.01 -13.25 -3.73
CA ASN A 230 14.39 -14.23 -2.86
C ASN A 230 14.38 -13.70 -1.42
N ASN A 231 13.16 -13.57 -0.89
CA ASN A 231 12.90 -13.29 0.51
C ASN A 231 11.79 -14.24 0.93
N THR A 232 11.19 -13.98 2.09
CA THR A 232 10.08 -14.81 2.54
C THR A 232 8.78 -14.48 1.82
N ALA A 233 8.81 -13.70 0.74
CA ALA A 233 7.63 -13.40 -0.06
C ALA A 233 7.96 -13.45 -1.54
N VAL A 234 8.72 -14.45 -1.96
CA VAL A 234 9.18 -14.55 -3.34
C VAL A 234 8.13 -15.28 -4.17
N GLY A 235 7.95 -14.82 -5.41
CA GLY A 235 6.99 -15.43 -6.31
C GLY A 235 7.58 -16.60 -7.08
N HIS A 236 6.74 -17.20 -7.92
CA HIS A 236 7.15 -18.34 -8.72
C HIS A 236 6.36 -18.35 -10.03
N ALA A 237 6.89 -19.07 -11.00
CA ALA A 237 6.28 -19.20 -12.32
C ALA A 237 6.08 -20.67 -12.65
N LEU A 238 4.87 -21.01 -13.09
CA LEU A 238 4.51 -22.36 -13.49
C LEU A 238 4.36 -22.43 -15.00
N VAL A 239 4.05 -23.62 -15.50
CA VAL A 239 3.83 -23.85 -16.92
C VAL A 239 2.42 -24.41 -17.08
N LEU A 240 1.63 -23.79 -17.97
CA LEU A 240 0.26 -24.21 -18.20
C LEU A 240 0.25 -25.29 -19.28
N PRO A 241 -0.12 -26.54 -18.96
CA PRO A 241 -0.13 -27.58 -19.99
C PRO A 241 -1.22 -27.37 -21.03
N ALA A 242 -1.36 -28.32 -21.96
CA ALA A 242 -2.32 -28.22 -23.04
C ALA A 242 -3.50 -29.15 -22.80
N GLY A 243 -4.70 -28.64 -23.06
CA GLY A 243 -5.89 -29.48 -22.96
C GLY A 243 -6.07 -30.01 -21.54
N ARG A 244 -6.26 -31.32 -21.44
CA ARG A 244 -6.49 -31.96 -20.15
C ARG A 244 -5.18 -32.16 -19.41
N ASP A 245 -5.20 -32.94 -18.32
CA ASP A 245 -4.09 -33.12 -17.41
C ASP A 245 -3.95 -31.97 -16.43
N LEU A 246 -5.04 -31.26 -16.16
CA LEU A 246 -5.05 -30.15 -15.23
C LEU A 246 -5.33 -30.58 -13.79
N THR A 247 -5.48 -31.87 -13.53
CA THR A 247 -5.69 -32.33 -12.15
C THR A 247 -4.45 -32.08 -11.30
N ASP A 248 -3.32 -32.68 -11.69
CA ASP A 248 -2.08 -32.44 -10.95
C ASP A 248 -1.62 -31.00 -11.06
N PHE A 249 -1.86 -30.35 -12.21
CA PHE A 249 -1.51 -28.95 -12.34
C PHE A 249 -2.28 -28.08 -11.35
N LEU A 250 -3.58 -28.34 -11.21
CA LEU A 250 -4.38 -27.61 -10.23
C LEU A 250 -3.92 -27.93 -8.82
N GLU A 251 -3.57 -29.18 -8.56
CA GLU A 251 -3.01 -29.54 -7.26
C GLU A 251 -1.80 -28.67 -6.95
N ASN A 252 -0.88 -28.56 -7.93
CA ASN A 252 0.32 -27.78 -7.72
C ASN A 252 0.01 -26.30 -7.53
N VAL A 253 -0.91 -25.75 -8.35
CA VAL A 253 -1.20 -24.32 -8.30
C VAL A 253 -2.09 -23.93 -7.13
N LEU A 254 -2.72 -24.89 -6.46
CA LEU A 254 -3.59 -24.61 -5.32
C LEU A 254 -2.89 -24.92 -3.99
N THR A 255 -2.40 -26.15 -3.83
CA THR A 255 -1.87 -26.57 -2.54
C THR A 255 -0.65 -25.75 -2.14
N CYS A 256 0.26 -25.52 -3.09
CA CYS A 256 1.52 -24.85 -2.77
C CYS A 256 1.44 -23.33 -2.83
N HIS A 257 0.43 -22.77 -3.47
CA HIS A 257 0.39 -21.34 -3.74
C HIS A 257 -0.83 -20.63 -3.19
N VAL A 258 -2.02 -21.22 -3.30
CA VAL A 258 -3.27 -20.56 -2.91
C VAL A 258 -3.86 -21.18 -1.64
N CYS A 259 -4.10 -22.49 -1.66
CA CYS A 259 -4.86 -23.11 -0.58
C CYS A 259 -4.19 -22.88 0.77
N LEU A 260 -2.98 -23.40 0.95
CA LEU A 260 -2.24 -23.22 2.20
C LEU A 260 -0.97 -22.42 1.99
N ASP A 261 -0.05 -22.90 1.14
CA ASP A 261 1.10 -22.11 0.72
C ASP A 261 2.01 -21.71 1.88
N ILE A 262 1.73 -22.19 3.09
CA ILE A 262 2.45 -21.69 4.25
C ILE A 262 2.22 -22.57 5.48
N CYS A 263 3.22 -22.65 6.37
CA CYS A 263 2.98 -23.15 7.72
C CYS A 263 2.45 -24.58 7.70
N ASN A 264 3.35 -25.56 7.50
CA ASN A 264 2.97 -26.89 7.01
C ASN A 264 2.63 -26.80 5.52
N ILE A 265 3.67 -26.52 4.74
CA ILE A 265 3.56 -26.09 3.35
C ILE A 265 3.58 -27.29 2.41
N ASP A 266 3.27 -28.48 2.93
CA ASP A 266 3.27 -29.67 2.08
C ASP A 266 4.66 -29.91 1.53
N PRO A 267 5.61 -30.40 2.35
CA PRO A 267 7.02 -30.48 1.95
C PRO A 267 7.24 -30.79 0.49
N SER A 268 6.39 -31.61 -0.12
CA SER A 268 6.47 -31.90 -1.55
C SER A 268 5.92 -30.74 -2.37
N CYS A 269 6.50 -29.56 -2.13
CA CYS A 269 6.19 -28.35 -2.89
C CYS A 269 7.41 -27.70 -3.49
N GLY A 270 8.60 -27.93 -2.94
CA GLY A 270 9.83 -27.30 -3.41
C GLY A 270 10.15 -25.98 -2.76
N PHE A 271 9.24 -25.43 -1.93
CA PHE A 271 9.48 -24.14 -1.32
C PHE A 271 10.67 -24.19 -0.35
N GLY A 272 10.78 -25.26 0.43
CA GLY A 272 11.77 -25.31 1.48
C GLY A 272 11.47 -24.35 2.61
N SER A 273 10.19 -24.25 3.01
CA SER A 273 9.77 -23.36 4.09
C SER A 273 10.24 -21.93 3.82
N TRP A 274 9.97 -21.45 2.60
CA TRP A 274 10.39 -20.13 2.16
C TRP A 274 9.20 -19.18 1.99
N ARG A 275 8.15 -19.35 2.79
CA ARG A 275 7.01 -18.44 2.71
C ARG A 275 6.18 -18.48 3.99
N PRO A 276 6.73 -18.08 5.13
CA PRO A 276 5.91 -17.87 6.33
C PRO A 276 5.36 -16.45 6.41
N SER A 277 4.48 -16.24 7.38
CA SER A 277 3.93 -14.92 7.65
C SER A 277 4.97 -14.09 8.39
N PHE A 278 4.65 -12.81 8.62
CA PHE A 278 5.58 -11.89 9.27
C PHE A 278 6.87 -11.80 8.45
N ARG A 279 6.71 -11.28 7.23
CA ARG A 279 7.76 -11.40 6.22
C ARG A 279 9.07 -10.81 6.72
N ASP A 280 10.16 -11.52 6.42
CA ASP A 280 11.51 -11.06 6.70
C ASP A 280 12.36 -11.32 5.47
N ALA A 281 13.66 -11.07 5.58
CA ALA A 281 14.60 -11.40 4.53
C ALA A 281 15.06 -12.84 4.71
N ALA A 282 16.04 -13.27 3.92
CA ALA A 282 16.57 -14.61 4.06
C ALA A 282 17.26 -14.76 5.42
N ALA A 283 17.52 -16.01 5.79
CA ALA A 283 18.09 -16.32 7.09
C ALA A 283 19.57 -15.95 7.12
N ALA A 284 20.21 -16.21 8.27
CA ALA A 284 21.62 -15.89 8.42
C ALA A 284 22.49 -16.63 7.41
N GLY A 285 22.00 -17.76 6.87
CA GLY A 285 22.76 -18.49 5.87
C GLY A 285 23.05 -17.67 4.63
N SER A 286 22.28 -16.62 4.39
CA SER A 286 22.53 -15.71 3.27
C SER A 286 23.59 -14.71 3.69
N ASP A 287 24.78 -14.81 3.10
CA ASP A 287 25.90 -13.91 3.42
C ASP A 287 25.63 -12.57 2.75
N VAL A 288 24.73 -11.80 3.35
CA VAL A 288 24.34 -10.50 2.81
C VAL A 288 25.39 -9.47 3.21
N ASP A 289 25.99 -8.83 2.22
CA ASP A 289 27.03 -7.83 2.45
C ASP A 289 26.39 -6.44 2.35
N ILE A 290 25.65 -6.09 3.40
CA ILE A 290 24.95 -4.81 3.45
C ILE A 290 25.76 -3.84 4.28
N ASP A 291 25.55 -2.55 4.03
CA ASP A 291 26.22 -1.48 4.77
C ASP A 291 25.30 -0.28 4.77
N MET A 292 24.59 -0.08 5.88
CA MET A 292 23.54 0.94 5.97
C MET A 292 24.01 2.11 6.83
N ALA A 293 23.87 3.32 6.30
CA ALA A 293 24.17 4.54 7.04
C ALA A 293 22.94 5.42 7.09
N PHE A 294 22.53 5.81 8.29
CA PHE A 294 21.35 6.65 8.49
C PHE A 294 21.77 8.10 8.74
N ILE A 295 21.05 9.02 8.14
CA ILE A 295 21.32 10.45 8.26
C ILE A 295 20.05 11.09 8.81
N LEU A 296 20.14 11.66 10.01
CA LEU A 296 19.00 12.22 10.71
C LEU A 296 19.01 13.73 10.58
N ASP A 297 18.10 14.40 11.29
CA ASP A 297 17.95 15.84 11.25
C ASP A 297 18.23 16.43 12.63
N SER A 298 18.53 17.73 12.62
CA SER A 298 18.89 18.46 13.84
C SER A 298 17.61 18.83 14.60
N ALA A 299 17.74 19.69 15.61
CA ALA A 299 16.58 20.10 16.39
C ALA A 299 15.59 20.92 15.57
N GLU A 300 15.96 21.33 14.37
CA GLU A 300 15.03 22.03 13.49
C GLU A 300 13.97 21.06 12.99
N THR A 301 12.83 21.02 13.66
CA THR A 301 11.71 20.16 13.28
C THR A 301 12.03 18.68 13.52
N THR A 302 12.67 18.40 14.65
CA THR A 302 12.90 17.04 15.11
C THR A 302 12.60 16.94 16.60
N THR A 303 11.43 17.43 17.00
CA THR A 303 11.05 17.42 18.41
C THR A 303 11.34 16.06 19.02
N LEU A 304 11.69 16.06 20.31
CA LEU A 304 12.13 14.84 20.97
C LEU A 304 11.23 13.65 20.66
N PHE A 305 9.94 13.92 20.41
CA PHE A 305 9.03 12.85 20.01
C PHE A 305 9.47 12.23 18.68
N GLN A 306 9.70 13.06 17.67
CA GLN A 306 10.11 12.55 16.36
C GLN A 306 11.48 11.89 16.44
N PHE A 307 12.40 12.47 17.21
CA PHE A 307 13.73 11.88 17.33
C PHE A 307 13.66 10.52 18.01
N ASN A 308 12.87 10.41 19.08
CA ASN A 308 12.69 9.12 19.73
C ASN A 308 12.13 8.10 18.75
N GLU A 309 11.15 8.50 17.95
CA GLU A 309 10.58 7.56 16.98
C GLU A 309 11.61 7.13 15.95
N MET A 310 12.39 8.08 15.42
CA MET A 310 13.37 7.71 14.40
C MET A 310 14.44 6.79 14.96
N LYS A 311 14.94 7.06 16.17
CA LYS A 311 15.95 6.18 16.73
C LYS A 311 15.36 4.82 17.08
N LYS A 312 14.09 4.77 17.49
CA LYS A 312 13.44 3.48 17.70
C LYS A 312 13.38 2.68 16.39
N TYR A 313 13.04 3.35 15.29
CA TYR A 313 13.00 2.67 14.00
C TYR A 313 14.38 2.16 13.61
N ILE A 314 15.41 2.98 13.80
CA ILE A 314 16.76 2.54 13.45
C ILE A 314 17.18 1.34 14.29
N ALA A 315 16.88 1.38 15.60
CA ALA A 315 17.25 0.28 16.47
C ALA A 315 16.52 -1.00 16.06
N TYR A 316 15.24 -0.91 15.73
CA TYR A 316 14.51 -2.09 15.27
C TYR A 316 15.13 -2.61 13.98
N LEU A 317 15.48 -1.72 13.06
CA LEU A 317 16.08 -2.14 11.81
C LEU A 317 17.37 -2.90 12.05
N VAL A 318 18.21 -2.39 12.95
CA VAL A 318 19.46 -3.08 13.27
C VAL A 318 19.16 -4.44 13.90
N ARG A 319 18.19 -4.50 14.80
CA ARG A 319 17.89 -5.75 15.48
C ARG A 319 17.52 -6.86 14.50
N GLN A 320 16.95 -6.49 13.35
CA GLN A 320 16.51 -7.46 12.35
C GLN A 320 17.56 -7.66 11.25
N LEU A 321 18.83 -7.53 11.60
CA LEU A 321 19.91 -7.70 10.63
C LEU A 321 20.98 -8.63 11.20
N ASP A 322 22.11 -8.77 10.51
CA ASP A 322 23.19 -9.67 10.93
C ASP A 322 24.50 -8.87 10.95
N MET A 323 24.81 -8.26 12.09
CA MET A 323 26.08 -7.58 12.25
C MET A 323 27.22 -8.58 12.27
N SER A 324 28.34 -8.19 11.68
CA SER A 324 29.53 -9.04 11.73
C SER A 324 30.04 -9.14 13.17
N PRO A 325 30.47 -10.32 13.61
CA PRO A 325 31.01 -10.41 14.98
C PRO A 325 32.20 -9.51 15.20
N ASP A 326 33.05 -9.35 14.19
CA ASP A 326 34.21 -8.45 14.23
C ASP A 326 34.10 -7.57 12.99
N PRO A 327 33.34 -6.48 13.05
CA PRO A 327 33.18 -5.63 11.85
C PRO A 327 34.47 -4.98 11.39
N LYS A 328 35.47 -4.88 12.25
CA LYS A 328 36.71 -4.19 11.87
C LYS A 328 37.50 -5.01 10.84
N ALA A 329 37.65 -6.32 11.08
CA ALA A 329 38.49 -7.16 10.23
C ALA A 329 37.71 -8.17 9.41
N SER A 330 36.42 -8.36 9.68
CA SER A 330 35.64 -9.34 8.92
C SER A 330 35.43 -8.85 7.50
N GLN A 331 35.39 -9.80 6.56
CA GLN A 331 35.18 -9.49 5.16
C GLN A 331 33.71 -9.58 4.75
N HIS A 332 32.89 -10.30 5.50
CA HIS A 332 31.50 -10.54 5.16
C HIS A 332 30.58 -9.88 6.18
N PHE A 333 29.28 -10.14 6.03
CA PHE A 333 28.26 -9.66 6.95
C PHE A 333 28.16 -8.13 6.92
N ALA A 334 27.47 -7.54 7.90
CA ALA A 334 26.93 -6.19 7.78
C ALA A 334 27.57 -5.24 8.78
N ARG A 335 27.42 -3.95 8.49
CA ARG A 335 27.82 -2.87 9.39
C ARG A 335 26.83 -1.72 9.21
N VAL A 336 26.69 -0.91 10.26
CA VAL A 336 25.75 0.21 10.26
C VAL A 336 26.41 1.45 10.83
N ALA A 337 25.85 2.61 10.49
CA ALA A 337 26.29 3.89 11.02
C ALA A 337 25.10 4.84 11.05
N VAL A 338 25.05 5.68 12.08
CA VAL A 338 23.99 6.67 12.23
C VAL A 338 24.63 8.05 12.34
N VAL A 339 24.13 9.00 11.56
CA VAL A 339 24.71 10.32 11.45
C VAL A 339 23.62 11.37 11.62
N GLN A 340 23.93 12.43 12.35
CA GLN A 340 23.01 13.55 12.54
C GLN A 340 23.41 14.73 11.67
N HIS A 341 22.45 15.61 11.40
CA HIS A 341 22.72 16.75 10.55
C HIS A 341 23.67 17.72 11.25
N ALA A 342 23.98 18.81 10.56
CA ALA A 342 25.07 19.69 10.98
C ALA A 342 24.75 20.35 12.32
N PRO A 343 25.78 20.63 13.14
CA PRO A 343 25.54 21.41 14.37
C PRO A 343 25.55 22.92 14.09
N SER A 344 25.31 23.71 15.12
CA SER A 344 25.25 25.16 14.93
C SER A 344 26.57 25.72 14.45
N GLU A 345 27.69 25.27 15.03
CA GLU A 345 29.01 25.82 14.73
C GLU A 345 29.62 25.10 13.54
N SER A 346 28.91 25.13 12.42
CA SER A 346 29.40 24.53 11.18
C SER A 346 29.10 25.40 9.96
N VAL A 347 28.57 26.61 10.14
CA VAL A 347 28.24 27.49 9.05
C VAL A 347 29.37 28.46 8.74
N ASP A 348 29.97 29.05 9.78
CA ASP A 348 31.06 30.00 9.57
C ASP A 348 32.26 29.31 8.95
N ASN A 349 32.42 28.02 9.20
CA ASN A 349 33.59 27.27 8.77
C ASN A 349 33.19 25.83 8.48
N ALA A 350 34.17 25.03 8.05
CA ALA A 350 33.97 23.61 7.79
C ALA A 350 35.07 22.76 8.42
N SER A 351 35.83 23.31 9.36
CA SER A 351 36.89 22.55 10.00
C SER A 351 36.31 21.34 10.75
N MET A 352 35.24 21.57 11.51
CA MET A 352 34.57 20.48 12.19
C MET A 352 33.71 19.71 11.20
N PRO A 353 33.42 18.44 11.48
CA PRO A 353 32.60 17.64 10.56
C PRO A 353 31.26 18.32 10.32
N PRO A 354 30.80 18.37 9.06
CA PRO A 354 29.44 18.88 8.81
C PRO A 354 28.35 18.03 9.42
N VAL A 355 28.68 16.88 10.00
CA VAL A 355 27.71 16.01 10.65
C VAL A 355 28.31 15.47 11.93
N LYS A 356 27.45 15.15 12.89
CA LYS A 356 27.86 14.54 14.14
C LYS A 356 27.80 13.02 13.95
N VAL A 357 28.94 12.43 13.61
CA VAL A 357 29.01 11.00 13.37
C VAL A 357 28.85 10.28 14.71
N GLU A 358 27.66 9.71 14.93
CA GLU A 358 27.40 9.08 16.23
C GLU A 358 28.20 7.79 16.39
N PHE A 359 28.30 6.99 15.34
CA PHE A 359 29.19 5.84 15.37
C PHE A 359 29.43 5.36 13.94
N SER A 360 30.70 5.16 13.59
CA SER A 360 31.05 4.74 12.25
C SER A 360 30.65 3.29 12.03
N LEU A 361 30.94 2.77 10.83
CA LEU A 361 30.56 1.41 10.50
C LEU A 361 31.21 0.40 11.43
N THR A 362 32.51 0.55 11.66
CA THR A 362 33.30 -0.42 12.43
C THR A 362 33.52 0.04 13.86
N ASP A 363 32.55 0.73 14.45
CA ASP A 363 32.68 1.26 15.80
C ASP A 363 32.02 0.37 16.86
N TYR A 364 31.05 -0.45 16.48
CA TYR A 364 30.38 -1.37 17.40
C TYR A 364 30.45 -2.77 16.84
N GLY A 365 30.87 -3.73 17.65
CA GLY A 365 30.99 -5.10 17.23
C GLY A 365 29.91 -6.01 17.75
N SER A 366 29.05 -5.49 18.64
CA SER A 366 27.98 -6.28 19.23
C SER A 366 26.65 -5.55 19.03
N LYS A 367 25.61 -6.33 18.71
CA LYS A 367 24.29 -5.75 18.48
C LYS A 367 23.75 -5.10 19.74
N GLU A 368 23.94 -5.75 20.90
CA GLU A 368 23.40 -5.22 22.14
C GLU A 368 24.01 -3.85 22.46
N LYS A 369 25.31 -3.70 22.27
CA LYS A 369 25.95 -2.42 22.56
C LYS A 369 25.38 -1.32 21.68
N LEU A 370 25.22 -1.58 20.38
CA LEU A 370 24.69 -0.57 19.49
C LEU A 370 23.25 -0.22 19.85
N VAL A 371 22.44 -1.23 20.18
CA VAL A 371 21.05 -0.96 20.53
C VAL A 371 20.98 -0.12 21.80
N ASP A 372 21.81 -0.45 22.80
CA ASP A 372 21.84 0.35 24.02
C ASP A 372 22.28 1.77 23.74
N PHE A 373 23.29 1.93 22.88
CA PHE A 373 23.76 3.28 22.54
C PHE A 373 22.66 4.08 21.87
N LEU A 374 21.94 3.47 20.94
CA LEU A 374 20.85 4.20 20.27
C LEU A 374 19.74 4.55 21.24
N SER A 375 19.39 3.63 22.15
CA SER A 375 18.30 3.88 23.07
C SER A 375 18.65 4.96 24.09
N ARG A 376 19.87 4.93 24.62
CA ARG A 376 20.28 5.80 25.72
C ARG A 376 21.27 6.87 25.29
N GLY A 377 22.34 6.50 24.58
CA GLY A 377 23.42 7.43 24.29
C GLY A 377 23.09 8.50 23.28
N MET A 378 22.03 8.33 22.50
CA MET A 378 21.70 9.30 21.46
C MET A 378 21.22 10.62 22.08
N THR A 379 21.47 11.70 21.36
CA THR A 379 21.04 13.03 21.79
C THR A 379 21.03 13.95 20.58
N GLN A 380 20.07 14.88 20.57
CA GLN A 380 20.01 15.89 19.51
C GLN A 380 21.23 16.80 19.61
N LEU A 381 21.36 17.71 18.63
CA LEU A 381 22.51 18.61 18.57
C LEU A 381 22.15 20.07 18.32
N GLN A 382 20.93 20.38 17.89
CA GLN A 382 20.47 21.75 17.75
C GLN A 382 21.34 22.53 16.76
N GLY A 383 21.29 22.09 15.51
CA GLY A 383 21.98 22.77 14.43
C GLY A 383 21.14 22.90 13.17
N THR A 384 21.80 23.17 12.03
CA THR A 384 21.13 23.30 10.75
C THR A 384 21.28 22.03 9.93
N ARG A 385 20.59 21.99 8.79
CA ARG A 385 20.48 20.74 8.02
C ARG A 385 21.68 20.52 7.11
N ALA A 386 21.86 21.39 6.11
CA ALA A 386 22.92 21.26 5.11
C ALA A 386 23.00 19.82 4.58
N LEU A 387 21.92 19.44 3.88
CA LEU A 387 21.73 18.03 3.52
C LEU A 387 22.83 17.51 2.62
N GLY A 388 23.11 18.21 1.50
CA GLY A 388 24.05 17.69 0.54
C GLY A 388 25.44 17.48 1.12
N SER A 389 25.92 18.48 1.86
CA SER A 389 27.22 18.36 2.51
C SER A 389 27.23 17.21 3.51
N ALA A 390 26.13 17.04 4.24
CA ALA A 390 26.06 15.95 5.21
C ALA A 390 26.18 14.60 4.52
N ILE A 391 25.43 14.40 3.44
CA ILE A 391 25.49 13.12 2.72
C ILE A 391 26.89 12.90 2.16
N GLU A 392 27.46 13.94 1.55
CA GLU A 392 28.79 13.80 0.96
C GLU A 392 29.81 13.41 2.02
N TYR A 393 29.81 14.10 3.16
CA TYR A 393 30.76 13.78 4.21
C TYR A 393 30.53 12.38 4.76
N THR A 394 29.27 11.98 4.92
CA THR A 394 28.99 10.65 5.46
C THR A 394 29.51 9.56 4.54
N ILE A 395 29.29 9.72 3.22
CA ILE A 395 29.76 8.69 2.29
C ILE A 395 31.26 8.75 2.08
N GLU A 396 31.89 9.91 2.32
CA GLU A 396 33.32 10.05 2.08
C GLU A 396 34.17 9.80 3.32
N ASN A 397 33.57 9.74 4.51
CA ASN A 397 34.35 9.57 5.73
C ASN A 397 33.70 8.59 6.71
N VAL A 398 32.64 7.89 6.32
CA VAL A 398 32.06 6.83 7.13
C VAL A 398 32.01 5.50 6.38
N PHE A 399 31.59 5.52 5.12
CA PHE A 399 31.59 4.31 4.31
C PHE A 399 33.00 3.98 3.82
N GLU A 400 33.59 4.87 3.03
CA GLU A 400 34.87 4.57 2.40
C GLU A 400 35.97 4.39 3.43
N SER A 401 35.99 5.24 4.46
CA SER A 401 37.03 5.15 5.47
C SER A 401 37.06 3.78 6.13
N ALA A 402 35.92 3.12 6.24
CA ALA A 402 35.87 1.83 6.89
C ALA A 402 36.59 0.76 6.05
N PRO A 403 37.19 -0.23 6.70
CA PRO A 403 37.93 -1.26 5.94
C PRO A 403 37.01 -2.30 5.32
N ASN A 404 37.37 -2.75 4.12
CA ASN A 404 36.64 -3.79 3.42
C ASN A 404 35.19 -3.37 3.17
N PRO A 405 34.96 -2.38 2.30
CA PRO A 405 33.58 -1.99 1.99
C PRO A 405 32.80 -3.12 1.35
N ARG A 406 31.51 -3.18 1.66
CA ARG A 406 30.63 -4.17 1.10
C ARG A 406 30.21 -3.77 -0.31
N ASP A 407 29.78 -4.77 -1.09
CA ASP A 407 29.42 -4.52 -2.48
C ASP A 407 28.20 -3.60 -2.59
N LEU A 408 27.14 -3.91 -1.85
CA LEU A 408 25.91 -3.14 -1.87
C LEU A 408 25.79 -2.36 -0.57
N LYS A 409 25.58 -1.04 -0.70
CA LYS A 409 25.51 -0.15 0.45
C LYS A 409 24.30 0.75 0.31
N ILE A 410 23.71 1.11 1.45
CA ILE A 410 22.45 1.84 1.51
C ILE A 410 22.60 3.07 2.38
N VAL A 411 22.03 4.18 1.92
CA VAL A 411 22.03 5.45 2.64
C VAL A 411 20.58 5.84 2.90
N VAL A 412 20.20 5.88 4.17
CA VAL A 412 18.85 6.23 4.58
C VAL A 412 18.84 7.69 5.01
N LEU A 413 17.85 8.45 4.54
CA LEU A 413 17.66 9.83 4.94
C LEU A 413 16.32 9.95 5.65
N MET A 414 16.34 10.38 6.90
CA MET A 414 15.13 10.57 7.70
C MET A 414 14.92 12.08 7.83
N LEU A 415 14.19 12.65 6.88
CA LEU A 415 13.93 14.08 6.83
C LEU A 415 12.60 14.37 7.49
N THR A 416 12.60 15.33 8.42
CA THR A 416 11.38 15.70 9.14
C THR A 416 11.12 17.21 9.08
N GLY A 417 11.72 17.91 8.13
CA GLY A 417 11.53 19.34 8.03
C GLY A 417 11.74 19.84 6.61
N GLU A 418 11.32 21.08 6.41
CA GLU A 418 11.46 21.71 5.10
C GLU A 418 12.92 21.77 4.69
N VAL A 419 13.19 21.50 3.43
CA VAL A 419 14.53 21.54 2.86
C VAL A 419 14.60 22.76 1.95
N PRO A 420 15.31 23.82 2.32
CA PRO A 420 15.35 25.01 1.47
C PRO A 420 15.88 24.69 0.08
N GLU A 421 15.29 25.33 -0.92
CA GLU A 421 15.62 25.00 -2.31
C GLU A 421 17.11 25.22 -2.60
N GLN A 422 17.74 26.19 -1.93
CA GLN A 422 19.15 26.44 -2.19
C GLN A 422 19.99 25.20 -1.94
N GLN A 423 19.64 24.41 -0.93
CA GLN A 423 20.34 23.17 -0.63
C GLN A 423 19.70 21.95 -1.29
N LEU A 424 18.59 22.12 -2.01
CA LEU A 424 18.00 21.00 -2.72
C LEU A 424 18.94 20.48 -3.80
N GLU A 425 19.23 21.31 -4.79
CA GLU A 425 19.95 20.83 -5.97
C GLU A 425 21.26 20.15 -5.57
N GLU A 426 22.08 20.84 -4.78
CA GLU A 426 23.35 20.25 -4.37
C GLU A 426 23.12 18.85 -3.80
N ALA A 427 22.16 18.72 -2.89
CA ALA A 427 21.88 17.42 -2.32
C ALA A 427 21.59 16.40 -3.41
N GLN A 428 20.67 16.73 -4.31
CA GLN A 428 20.35 15.79 -5.39
C GLN A 428 21.60 15.49 -6.20
N ARG A 429 22.43 16.50 -6.47
CA ARG A 429 23.68 16.24 -7.17
C ARG A 429 24.49 15.19 -6.43
N VAL A 430 24.67 15.37 -5.12
CA VAL A 430 25.39 14.38 -4.34
C VAL A 430 24.75 13.01 -4.50
N ILE A 431 23.42 12.96 -4.44
CA ILE A 431 22.72 11.69 -4.59
C ILE A 431 23.14 11.03 -5.89
N LEU A 432 23.16 11.80 -6.98
CA LEU A 432 23.56 11.25 -8.26
C LEU A 432 24.92 10.56 -8.13
N GLN A 433 25.89 11.26 -7.54
CA GLN A 433 27.20 10.67 -7.36
C GLN A 433 27.12 9.39 -6.53
N ALA A 434 26.35 9.44 -5.44
CA ALA A 434 26.20 8.25 -4.61
C ALA A 434 25.54 7.12 -5.41
N LYS A 435 24.68 7.47 -6.36
CA LYS A 435 24.07 6.44 -7.20
C LYS A 435 25.04 5.89 -8.23
N CYS A 436 26.08 6.65 -8.58
CA CYS A 436 27.09 6.16 -9.51
C CYS A 436 28.03 5.17 -8.83
N LYS A 437 28.28 5.34 -7.53
CA LYS A 437 29.15 4.44 -6.79
C LYS A 437 28.41 3.25 -6.19
N GLY A 438 27.11 3.13 -6.46
CA GLY A 438 26.35 1.98 -6.00
C GLY A 438 25.79 2.14 -4.61
N TYR A 439 25.00 3.19 -4.39
CA TYR A 439 24.34 3.42 -3.11
C TYR A 439 22.84 3.47 -3.33
N PHE A 440 22.11 2.57 -2.66
CA PHE A 440 20.66 2.59 -2.70
C PHE A 440 20.15 3.47 -1.56
N PHE A 441 19.18 4.32 -1.87
CA PHE A 441 18.75 5.37 -0.97
C PHE A 441 17.32 5.15 -0.51
N VAL A 442 17.09 5.35 0.78
CA VAL A 442 15.77 5.29 1.39
C VAL A 442 15.47 6.64 2.02
N VAL A 443 14.33 7.22 1.68
CA VAL A 443 13.93 8.54 2.16
C VAL A 443 12.65 8.36 2.97
N LEU A 444 12.62 8.95 4.17
CA LEU A 444 11.48 8.84 5.08
C LEU A 444 11.06 10.25 5.48
N GLY A 445 10.18 10.86 4.68
CA GLY A 445 9.67 12.18 5.02
C GLY A 445 8.67 12.08 6.16
N ILE A 446 8.97 12.74 7.28
CA ILE A 446 8.15 12.69 8.48
C ILE A 446 7.47 14.04 8.67
N GLY A 447 6.17 14.00 8.93
CA GLY A 447 5.40 15.21 9.17
C GLY A 447 4.91 15.85 7.88
N ARG A 448 4.08 16.88 8.05
CA ARG A 448 3.53 17.61 6.90
C ARG A 448 4.48 18.69 6.39
N LYS A 449 5.39 19.18 7.25
CA LYS A 449 6.24 20.29 6.84
C LYS A 449 7.14 19.89 5.68
N VAL A 450 7.72 18.70 5.73
CA VAL A 450 8.64 18.27 4.68
C VAL A 450 7.91 18.24 3.35
N ASN A 451 8.45 18.95 2.37
CA ASN A 451 7.89 18.89 1.02
C ASN A 451 8.15 17.53 0.40
N ILE A 452 7.18 17.07 -0.39
CA ILE A 452 7.29 15.76 -1.03
C ILE A 452 7.42 15.87 -2.54
N LYS A 453 7.10 17.01 -3.16
CA LYS A 453 7.21 17.13 -4.60
C LYS A 453 8.67 17.01 -5.05
N GLU A 454 9.59 17.65 -4.32
CA GLU A 454 10.98 17.70 -4.72
C GLU A 454 11.80 16.55 -4.14
N VAL A 455 11.62 16.23 -2.85
CA VAL A 455 12.43 15.20 -2.21
C VAL A 455 11.99 13.79 -2.59
N TYR A 456 10.94 13.64 -3.41
CA TYR A 456 10.52 12.31 -3.81
C TYR A 456 11.59 11.61 -4.62
N THR A 457 12.27 12.35 -5.51
CA THR A 457 13.23 11.77 -6.43
C THR A 457 14.54 11.37 -5.75
N PHE A 458 14.76 11.77 -4.50
CA PHE A 458 16.00 11.40 -3.82
C PHE A 458 16.13 9.89 -3.68
N ALA A 459 15.03 9.21 -3.34
CA ALA A 459 15.07 7.78 -3.16
C ALA A 459 15.42 7.07 -4.47
N SER A 460 16.06 5.91 -4.35
CA SER A 460 16.46 5.16 -5.52
C SER A 460 15.25 4.56 -6.22
N GLU A 461 15.43 4.25 -7.50
CA GLU A 461 14.32 3.74 -8.30
C GLU A 461 13.97 2.32 -7.87
N PRO A 462 12.68 1.99 -7.75
CA PRO A 462 11.51 2.84 -7.96
C PRO A 462 11.23 3.67 -6.71
N ASN A 463 10.81 4.92 -6.86
CA ASN A 463 10.57 5.78 -5.70
C ASN A 463 9.36 5.32 -4.89
N ASP A 464 8.50 4.47 -5.45
CA ASP A 464 7.32 4.03 -4.72
C ASP A 464 7.71 3.26 -3.47
N VAL A 465 8.70 2.39 -3.57
CA VAL A 465 9.10 1.55 -2.44
C VAL A 465 10.24 2.18 -1.65
N PHE A 466 11.21 2.80 -2.33
CA PHE A 466 12.36 3.35 -1.63
C PHE A 466 12.02 4.65 -0.92
N PHE A 467 11.14 5.46 -1.47
CA PHE A 467 10.63 6.65 -0.78
C PHE A 467 9.42 6.26 0.05
N LYS A 468 9.43 6.67 1.31
CA LYS A 468 8.34 6.36 2.23
C LYS A 468 7.80 7.64 2.85
N LEU A 469 6.48 7.67 3.04
CA LEU A 469 5.80 8.81 3.62
C LEU A 469 5.17 8.39 4.95
N VAL A 470 5.33 9.23 5.96
CA VAL A 470 4.67 9.04 7.25
C VAL A 470 4.04 10.37 7.65
N ASP A 471 2.72 10.36 7.84
CA ASP A 471 2.03 11.55 8.34
C ASP A 471 2.33 11.81 9.81
N LYS A 472 2.86 10.83 10.52
CA LYS A 472 3.26 10.98 11.92
C LYS A 472 4.53 10.19 12.14
N SER A 473 5.27 10.57 13.18
CA SER A 473 6.47 9.82 13.52
C SER A 473 6.13 8.41 13.98
N THR A 474 5.02 8.24 14.70
CA THR A 474 4.64 6.93 15.20
C THR A 474 4.54 5.90 14.08
N GLU A 475 4.18 6.33 12.87
CA GLU A 475 4.03 5.39 11.77
C GLU A 475 5.32 4.64 11.47
N LEU A 476 6.47 5.19 11.86
CA LEU A 476 7.73 4.48 11.65
C LEU A 476 7.76 3.14 12.37
N ASN A 477 6.97 2.98 13.44
CA ASN A 477 6.96 1.78 14.25
C ASN A 477 5.68 0.98 14.06
N GLU A 478 5.18 0.93 12.83
CA GLU A 478 4.01 0.15 12.47
C GLU A 478 4.37 -0.84 11.39
N GLU A 479 3.60 -1.93 11.32
CA GLU A 479 3.94 -3.02 10.42
C GLU A 479 4.17 -2.61 8.98
N PRO A 480 3.37 -1.74 8.35
CA PRO A 480 3.62 -1.42 6.94
C PRO A 480 5.00 -0.85 6.68
N LEU A 481 5.64 -0.23 7.67
CA LEU A 481 7.00 0.27 7.51
C LEU A 481 8.05 -0.65 8.11
N MET A 482 7.73 -1.34 9.21
CA MET A 482 8.67 -2.31 9.75
C MET A 482 8.94 -3.43 8.75
N ARG A 483 7.90 -3.91 8.07
CA ARG A 483 8.10 -4.94 7.06
C ARG A 483 8.97 -4.43 5.91
N PHE A 484 8.73 -3.20 5.47
CA PHE A 484 9.56 -2.63 4.42
C PHE A 484 11.02 -2.54 4.86
N GLY A 485 11.25 -2.09 6.08
CA GLY A 485 12.61 -2.05 6.60
C GLY A 485 13.25 -3.42 6.65
N ARG A 486 12.48 -4.42 7.10
CA ARG A 486 13.01 -5.78 7.17
C ARG A 486 13.40 -6.29 5.79
N LEU A 487 12.55 -6.04 4.79
CA LEU A 487 12.82 -6.53 3.44
C LEU A 487 13.80 -5.65 2.67
N LEU A 488 14.18 -4.49 3.22
CA LEU A 488 15.09 -3.60 2.51
C LEU A 488 16.34 -4.28 1.98
N PRO A 489 17.02 -5.15 2.73
CA PRO A 489 18.17 -5.86 2.13
C PRO A 489 17.80 -6.65 0.90
N SER A 490 16.55 -7.12 0.81
CA SER A 490 16.12 -7.90 -0.35
C SER A 490 15.97 -7.01 -1.59
N PHE A 491 15.36 -5.84 -1.43
CA PHE A 491 15.13 -4.97 -2.58
C PHE A 491 16.40 -4.37 -3.15
N VAL A 492 17.53 -4.49 -2.44
CA VAL A 492 18.80 -3.95 -2.93
C VAL A 492 19.69 -5.07 -3.44
N ASP B 43 4.45 -1.75 25.78
CA ASP B 43 3.27 -2.18 25.06
C ASP B 43 3.49 -3.58 24.46
N PRO B 44 2.56 -4.51 24.72
CA PRO B 44 2.74 -5.88 24.20
C PRO B 44 2.80 -5.91 22.68
N GLY B 45 3.54 -6.87 22.16
CA GLY B 45 3.59 -7.05 20.72
C GLY B 45 2.22 -7.32 20.13
N LEU B 46 1.44 -8.18 20.79
CA LEU B 46 0.05 -8.40 20.43
C LEU B 46 -0.79 -8.30 21.70
N THR B 47 -2.02 -7.82 21.54
CA THR B 47 -2.90 -7.51 22.66
C THR B 47 -4.22 -8.27 22.51
N GLU B 48 -5.18 -7.93 23.37
CA GLU B 48 -6.46 -8.63 23.34
C GLU B 48 -7.13 -8.51 21.98
N CYS B 49 -7.01 -7.35 21.32
CA CYS B 49 -7.61 -7.19 20.00
C CYS B 49 -6.84 -7.98 18.94
N ASP B 50 -5.52 -8.09 19.07
CA ASP B 50 -4.74 -8.83 18.10
C ASP B 50 -5.09 -10.31 18.14
N VAL B 51 -5.18 -10.89 19.35
CA VAL B 51 -5.66 -12.26 19.47
C VAL B 51 -7.10 -12.35 19.03
N MET B 52 -7.89 -11.31 19.30
CA MET B 52 -9.27 -11.26 18.85
C MET B 52 -9.35 -11.56 17.36
N THR B 53 -8.63 -10.77 16.57
CA THR B 53 -8.69 -10.94 15.11
C THR B 53 -7.95 -12.19 14.66
N TYR B 54 -6.88 -12.59 15.35
CA TYR B 54 -6.24 -13.87 15.04
C TYR B 54 -7.25 -15.01 15.08
N VAL B 55 -8.00 -15.11 16.18
CA VAL B 55 -8.97 -16.18 16.33
C VAL B 55 -10.09 -16.01 15.30
N ARG B 56 -10.60 -14.79 15.14
CA ARG B 56 -11.68 -14.57 14.19
C ARG B 56 -11.26 -14.86 12.76
N GLU B 57 -9.96 -14.86 12.47
CA GLU B 57 -9.46 -15.09 11.12
C GLU B 57 -9.13 -16.56 10.86
N THR B 58 -8.31 -17.16 11.74
CA THR B 58 -7.83 -18.51 11.48
C THR B 58 -8.91 -19.57 11.71
N CYS B 59 -9.83 -19.34 12.65
CA CYS B 59 -10.79 -20.36 13.05
C CYS B 59 -12.16 -20.14 12.44
N GLY B 60 -12.77 -19.00 12.67
CA GLY B 60 -14.09 -18.71 12.13
C GLY B 60 -14.85 -17.76 13.02
N CYS B 61 -16.16 -17.75 12.84
CA CYS B 61 -17.03 -16.75 13.44
C CYS B 61 -18.29 -17.43 13.96
N CYS B 62 -19.25 -16.62 14.39
CA CYS B 62 -20.53 -17.10 14.91
C CYS B 62 -21.57 -16.00 14.73
N ASP B 63 -22.76 -16.22 15.28
CA ASP B 63 -23.81 -15.22 15.27
C ASP B 63 -24.25 -14.89 13.85
N PRO B 271 -22.98 -10.19 12.27
CA PRO B 271 -21.99 -10.83 13.15
C PRO B 271 -21.40 -9.87 14.17
N ASP B 272 -21.19 -10.35 15.39
CA ASP B 272 -20.64 -9.52 16.44
C ASP B 272 -19.29 -8.95 16.02
N LEU B 273 -19.08 -7.67 16.31
CA LEU B 273 -17.87 -6.94 15.92
C LEU B 273 -17.16 -6.43 17.17
N PRO B 274 -16.19 -7.17 17.69
CA PRO B 274 -15.35 -6.65 18.78
C PRO B 274 -14.16 -5.87 18.24
N CYS B 275 -13.77 -4.84 19.00
CA CYS B 275 -12.69 -3.96 18.60
C CYS B 275 -13.04 -3.25 17.29
N GLN B 276 -12.07 -2.59 16.67
CA GLN B 276 -12.31 -1.84 15.44
C GLN B 276 -11.05 -1.92 14.58
N THR B 277 -11.10 -2.75 13.54
CA THR B 277 -9.99 -2.88 12.60
C THR B 277 -10.58 -3.31 11.26
N GLU B 278 -10.75 -2.35 10.35
CA GLU B 278 -11.36 -2.61 9.06
C GLU B 278 -10.71 -1.76 7.98
N LEU B 279 -10.46 -2.37 6.82
CA LEU B 279 -10.00 -1.67 5.62
C LEU B 279 -8.70 -0.89 5.90
N SER B 280 -7.65 -1.66 6.13
CA SER B 280 -6.33 -1.12 6.47
C SER B 280 -5.86 -0.07 5.47
N VAL B 281 -6.47 -0.02 4.29
CA VAL B 281 -6.07 0.89 3.21
C VAL B 281 -4.55 0.90 3.12
N ALA B 282 -3.96 2.05 2.78
CA ALA B 282 -2.51 2.13 2.65
C ALA B 282 -2.04 3.57 2.57
N GLN B 283 -1.04 3.93 3.36
CA GLN B 283 -0.45 5.26 3.27
C GLN B 283 -0.05 5.53 1.83
N CYS B 284 -0.63 6.57 1.24
CA CYS B 284 -0.57 6.76 -0.20
C CYS B 284 0.83 7.11 -0.66
N THR B 285 1.29 6.41 -1.70
CA THR B 285 2.46 6.83 -2.44
C THR B 285 2.04 7.91 -3.42
N GLN B 286 2.92 8.27 -4.36
CA GLN B 286 2.60 9.26 -5.38
C GLN B 286 1.84 8.66 -6.55
N ARG B 287 1.07 7.59 -6.32
CA ARG B 287 0.34 6.94 -7.38
C ARG B 287 -0.64 7.92 -8.02
N PRO B 288 -0.90 7.78 -9.33
CA PRO B 288 -1.77 8.76 -10.02
C PRO B 288 -3.23 8.49 -9.72
N VAL B 289 -3.91 9.49 -9.16
CA VAL B 289 -5.33 9.40 -8.83
C VAL B 289 -6.00 10.69 -9.25
N ASP B 290 -7.12 10.58 -9.96
CA ASP B 290 -7.91 11.72 -10.39
C ASP B 290 -9.19 11.75 -9.57
N ILE B 291 -9.37 12.83 -8.81
CA ILE B 291 -10.47 12.94 -7.86
C ILE B 291 -11.45 13.99 -8.39
N VAL B 292 -12.70 13.58 -8.60
CA VAL B 292 -13.76 14.46 -9.08
C VAL B 292 -14.73 14.68 -7.93
N PHE B 293 -14.96 15.95 -7.60
CA PHE B 293 -15.90 16.31 -6.55
C PHE B 293 -17.23 16.74 -7.16
N LEU B 294 -18.31 16.21 -6.62
CA LEU B 294 -19.66 16.51 -7.09
C LEU B 294 -20.46 17.09 -5.96
N LEU B 295 -21.00 18.29 -6.16
CA LEU B 295 -21.62 19.07 -5.11
C LEU B 295 -23.12 19.19 -5.36
N ASP B 296 -23.89 19.23 -4.27
CA ASP B 296 -25.34 19.34 -4.35
C ASP B 296 -25.74 20.77 -4.65
N GLY B 297 -26.40 20.98 -5.79
CA GLY B 297 -27.03 22.24 -6.09
C GLY B 297 -28.42 22.37 -5.52
N SER B 298 -28.87 21.37 -4.77
CA SER B 298 -30.26 21.34 -4.29
C SER B 298 -30.53 22.49 -3.33
N GLU B 299 -31.80 22.90 -3.30
CA GLU B 299 -32.20 23.98 -2.40
C GLU B 299 -31.84 23.68 -0.96
N ARG B 300 -31.87 22.40 -0.58
CA ARG B 300 -31.64 22.03 0.81
C ARG B 300 -30.22 22.35 1.25
N LEU B 301 -29.25 22.30 0.34
CA LEU B 301 -27.86 22.47 0.74
C LEU B 301 -27.64 23.81 1.42
N GLY B 302 -28.05 24.89 0.78
CA GLY B 302 -27.97 26.20 1.38
C GLY B 302 -26.70 26.95 1.02
N GLU B 303 -26.48 28.07 1.72
CA GLU B 303 -25.40 29.00 1.41
C GLU B 303 -24.17 28.79 2.28
N GLN B 304 -24.31 28.86 3.60
CA GLN B 304 -23.16 28.62 4.46
C GLN B 304 -22.68 27.18 4.35
N ASN B 305 -23.60 26.24 4.10
CA ASN B 305 -23.20 24.87 3.80
C ASN B 305 -22.32 24.82 2.55
N PHE B 306 -22.69 25.58 1.52
CA PHE B 306 -21.85 25.66 0.34
C PHE B 306 -20.47 26.22 0.69
N HIS B 307 -20.43 27.21 1.59
CA HIS B 307 -19.14 27.77 2.00
C HIS B 307 -18.30 26.74 2.72
N LYS B 308 -18.90 25.96 3.61
CA LYS B 308 -18.15 24.92 4.32
C LYS B 308 -17.64 23.85 3.35
N ALA B 309 -18.47 23.47 2.39
CA ALA B 309 -18.03 22.50 1.38
C ALA B 309 -16.90 23.06 0.54
N ARG B 310 -16.97 24.35 0.20
CA ARG B 310 -15.89 25.00 -0.53
C ARG B 310 -14.60 24.95 0.27
N ARG B 311 -14.69 25.26 1.57
CA ARG B 311 -13.51 25.20 2.44
C ARG B 311 -12.94 23.79 2.46
N PHE B 312 -13.81 22.78 2.56
CA PHE B 312 -13.32 21.40 2.58
C PHE B 312 -12.61 21.04 1.27
N VAL B 313 -13.22 21.39 0.14
CA VAL B 313 -12.64 21.03 -1.15
C VAL B 313 -11.29 21.71 -1.32
N GLU B 314 -11.19 23.00 -1.00
CA GLU B 314 -9.91 23.67 -1.12
C GLU B 314 -8.88 23.06 -0.17
N GLN B 315 -9.31 22.70 1.04
CA GLN B 315 -8.38 22.10 2.00
C GLN B 315 -7.82 20.78 1.48
N VAL B 316 -8.69 19.93 0.93
CA VAL B 316 -8.19 18.63 0.45
C VAL B 316 -7.32 18.83 -0.78
N ALA B 317 -7.71 19.73 -1.68
CA ALA B 317 -6.87 19.99 -2.85
C ALA B 317 -5.49 20.49 -2.43
N ARG B 318 -5.44 21.28 -1.36
CA ARG B 318 -4.16 21.75 -0.85
C ARG B 318 -3.35 20.61 -0.24
N ARG B 319 -3.99 19.82 0.61
CA ARG B 319 -3.26 18.80 1.38
C ARG B 319 -2.64 17.76 0.46
N LEU B 320 -3.40 17.30 -0.54
CA LEU B 320 -2.90 16.26 -1.42
C LEU B 320 -1.77 16.78 -2.29
N THR B 321 -0.88 15.88 -2.70
CA THR B 321 0.25 16.23 -3.56
C THR B 321 -0.26 16.22 -4.99
N LEU B 322 -0.68 17.39 -5.46
CA LEU B 322 -1.26 17.50 -6.79
C LEU B 322 -0.19 17.28 -7.85
N ALA B 323 -0.64 17.04 -9.08
CA ALA B 323 0.25 16.71 -10.19
C ALA B 323 0.89 17.99 -10.72
N ARG B 324 1.58 17.87 -11.86
CA ARG B 324 2.23 19.00 -12.50
C ARG B 324 1.93 19.11 -14.00
N ARG B 325 1.31 18.10 -14.61
CA ARG B 325 0.94 18.14 -16.01
C ARG B 325 -0.23 17.20 -16.21
N ASP B 326 -0.90 17.36 -17.37
CA ASP B 326 -2.08 16.56 -17.64
C ASP B 326 -1.77 15.07 -17.67
N ASP B 327 -0.66 14.69 -18.30
CA ASP B 327 -0.28 13.29 -18.43
C ASP B 327 0.67 12.83 -17.34
N ASP B 328 0.60 13.44 -16.16
CA ASP B 328 1.50 13.07 -15.08
C ASP B 328 1.23 11.63 -14.65
N PRO B 329 2.27 10.81 -14.49
CA PRO B 329 2.06 9.44 -13.98
C PRO B 329 2.01 9.34 -12.47
N LEU B 330 2.31 10.43 -11.75
CA LEU B 330 2.39 10.44 -10.31
C LEU B 330 1.47 11.51 -9.75
N ASN B 331 1.47 11.65 -8.43
CA ASN B 331 0.72 12.70 -7.74
C ASN B 331 -0.77 12.48 -8.01
N ALA B 332 -1.56 13.55 -7.99
CA ALA B 332 -3.00 13.44 -8.16
C ALA B 332 -3.55 14.71 -8.78
N ARG B 333 -4.80 14.63 -9.23
CA ARG B 333 -5.51 15.77 -9.82
C ARG B 333 -6.87 15.91 -9.15
N VAL B 334 -7.46 17.09 -9.28
CA VAL B 334 -8.73 17.40 -8.65
C VAL B 334 -9.63 18.15 -9.63
N ALA B 335 -10.91 17.82 -9.61
CA ALA B 335 -11.93 18.53 -10.37
C ALA B 335 -13.18 18.66 -9.52
N LEU B 336 -13.98 19.68 -9.81
CA LEU B 336 -15.22 19.93 -9.08
C LEU B 336 -16.36 20.10 -10.07
N LEU B 337 -17.51 19.53 -9.75
CA LEU B 337 -18.71 19.65 -10.55
C LEU B 337 -19.89 19.94 -9.63
N GLN B 338 -20.83 20.74 -10.12
CA GLN B 338 -22.03 21.10 -9.37
C GLN B 338 -23.23 20.85 -10.26
N PHE B 339 -24.02 19.83 -9.92
CA PHE B 339 -25.22 19.50 -10.70
C PHE B 339 -26.41 20.29 -10.15
N GLY B 340 -27.10 20.99 -11.05
CA GLY B 340 -28.22 21.84 -10.68
C GLY B 340 -29.43 21.53 -11.54
N GLY B 341 -30.08 22.61 -11.99
CA GLY B 341 -31.28 22.49 -12.79
C GLY B 341 -31.00 22.09 -14.22
N PRO B 342 -30.32 22.95 -14.97
CA PRO B 342 -30.10 22.66 -16.40
C PRO B 342 -29.23 21.42 -16.60
N GLY B 343 -29.46 20.75 -17.72
CA GLY B 343 -28.67 19.56 -18.03
C GLY B 343 -27.19 19.85 -18.10
N GLU B 344 -26.82 20.99 -18.70
CA GLU B 344 -25.42 21.41 -18.79
C GLU B 344 -25.01 21.96 -17.42
N GLN B 345 -24.60 21.04 -16.55
CA GLN B 345 -24.21 21.42 -15.20
C GLN B 345 -22.96 22.29 -15.24
N GLN B 346 -22.82 23.14 -14.23
CA GLN B 346 -21.70 24.07 -14.17
C GLN B 346 -20.41 23.32 -13.84
N VAL B 347 -19.37 23.56 -14.63
CA VAL B 347 -18.05 22.98 -14.40
C VAL B 347 -17.25 24.00 -13.61
N ALA B 348 -17.19 23.81 -12.28
CA ALA B 348 -16.40 24.71 -11.45
C ALA B 348 -14.95 24.72 -11.91
N PHE B 349 -14.39 23.56 -12.21
CA PHE B 349 -13.10 23.45 -12.86
C PHE B 349 -12.85 21.99 -13.25
N PRO B 350 -12.20 21.73 -14.38
CA PRO B 350 -11.88 20.35 -14.74
C PRO B 350 -10.74 19.80 -13.89
N LEU B 351 -10.27 18.59 -14.21
CA LEU B 351 -9.17 18.00 -13.46
C LEU B 351 -7.93 18.88 -13.59
N SER B 352 -7.55 19.53 -12.50
CA SER B 352 -6.50 20.53 -12.54
C SER B 352 -5.58 20.38 -11.34
N HIS B 353 -4.28 20.57 -11.61
CA HIS B 353 -3.26 20.73 -10.58
C HIS B 353 -2.91 22.19 -10.38
N ASN B 354 -3.55 23.10 -11.14
CA ASN B 354 -3.23 24.52 -11.17
C ASN B 354 -3.76 25.15 -9.88
N LEU B 355 -3.00 24.94 -8.80
CA LEU B 355 -3.51 25.24 -7.46
C LEU B 355 -4.06 26.66 -7.36
N THR B 356 -3.35 27.63 -7.94
CA THR B 356 -3.89 28.99 -7.97
C THR B 356 -5.20 29.03 -8.74
N ALA B 357 -5.27 28.31 -9.86
CA ALA B 357 -6.50 28.28 -10.64
C ALA B 357 -7.65 27.68 -9.86
N ILE B 358 -7.40 26.56 -9.17
CA ILE B 358 -8.48 25.92 -8.43
C ILE B 358 -8.90 26.79 -7.25
N HIS B 359 -7.95 27.45 -6.60
CA HIS B 359 -8.30 28.34 -5.50
C HIS B 359 -9.17 29.49 -5.98
N GLU B 360 -8.76 30.17 -7.07
CA GLU B 360 -9.55 31.29 -7.56
C GLU B 360 -10.90 30.83 -8.11
N ALA B 361 -10.97 29.63 -8.72
CA ALA B 361 -12.24 29.13 -9.19
C ALA B 361 -13.18 28.82 -8.03
N LEU B 362 -12.68 28.13 -7.00
CA LEU B 362 -13.50 27.85 -5.83
C LEU B 362 -13.92 29.14 -5.13
N GLU B 363 -13.11 30.19 -5.23
CA GLU B 363 -13.55 31.49 -4.71
C GLU B 363 -14.63 32.09 -5.59
N THR B 364 -14.56 31.86 -6.90
CA THR B 364 -15.49 32.47 -7.85
C THR B 364 -16.67 31.58 -8.20
N THR B 365 -16.66 30.31 -7.81
CA THR B 365 -17.80 29.44 -8.09
C THR B 365 -19.01 29.94 -7.31
N GLN B 366 -20.17 29.96 -7.97
CA GLN B 366 -21.39 30.54 -7.42
C GLN B 366 -22.41 29.44 -7.17
N TYR B 367 -23.05 29.51 -6.00
CA TYR B 367 -24.08 28.55 -5.64
C TYR B 367 -25.23 28.61 -6.64
N LEU B 368 -25.79 27.44 -6.95
CA LEU B 368 -26.95 27.37 -7.84
C LEU B 368 -28.26 27.42 -7.06
N ASN B 369 -28.39 26.58 -6.04
CA ASN B 369 -29.58 26.56 -5.19
C ASN B 369 -30.83 26.23 -6.02
N SER B 370 -30.79 25.06 -6.65
CA SER B 370 -31.88 24.62 -7.50
C SER B 370 -31.95 23.10 -7.50
N PHE B 371 -33.11 22.58 -7.88
CA PHE B 371 -33.30 21.14 -7.94
C PHE B 371 -32.27 20.50 -8.86
N SER B 372 -31.87 19.28 -8.52
CA SER B 372 -30.90 18.55 -9.31
C SER B 372 -31.22 17.06 -9.24
N HIS B 373 -30.50 16.28 -10.05
CA HIS B 373 -30.64 14.84 -10.10
C HIS B 373 -29.27 14.20 -9.97
N VAL B 374 -29.15 13.22 -9.08
CA VAL B 374 -27.85 12.57 -8.85
C VAL B 374 -27.37 11.89 -10.12
N GLY B 375 -28.26 11.16 -10.79
CA GLY B 375 -27.87 10.49 -12.02
C GLY B 375 -27.47 11.47 -13.11
N ALA B 376 -28.20 12.58 -13.22
CA ALA B 376 -27.84 13.60 -14.19
C ALA B 376 -26.44 14.14 -13.93
N GLY B 377 -26.13 14.42 -12.66
CA GLY B 377 -24.79 14.89 -12.33
C GLY B 377 -23.74 13.84 -12.62
N VAL B 378 -24.04 12.58 -12.33
CA VAL B 378 -23.08 11.50 -12.59
C VAL B 378 -22.75 11.43 -14.08
N VAL B 379 -23.79 11.39 -14.91
CA VAL B 379 -23.56 11.27 -16.35
C VAL B 379 -22.86 12.51 -16.88
N HIS B 380 -23.23 13.70 -16.35
CA HIS B 380 -22.57 14.93 -16.80
C HIS B 380 -21.09 14.92 -16.45
N ALA B 381 -20.75 14.48 -15.23
CA ALA B 381 -19.35 14.39 -14.85
C ALA B 381 -18.61 13.39 -15.73
N ILE B 382 -19.23 12.24 -16.00
CA ILE B 382 -18.57 11.23 -16.82
C ILE B 382 -18.32 11.77 -18.22
N ASN B 383 -19.27 12.53 -18.76
CA ASN B 383 -19.16 13.02 -20.13
C ASN B 383 -18.44 14.37 -20.22
N ALA B 384 -18.09 14.99 -19.10
CA ALA B 384 -17.47 16.31 -19.11
C ALA B 384 -16.10 16.35 -18.45
N ILE B 385 -15.64 15.26 -17.85
CA ILE B 385 -14.30 15.19 -17.29
C ILE B 385 -13.55 14.02 -17.91
N VAL B 386 -14.07 12.81 -17.70
CA VAL B 386 -13.42 11.61 -18.26
C VAL B 386 -13.43 11.68 -19.79
N ARG B 387 -14.59 11.94 -20.37
CA ARG B 387 -14.73 12.02 -21.82
C ARG B 387 -14.36 13.40 -22.35
N SER B 388 -13.95 14.32 -21.48
CA SER B 388 -13.57 15.65 -21.93
C SER B 388 -12.36 15.57 -22.86
N PRO B 389 -12.33 16.40 -23.91
CA PRO B 389 -11.15 16.39 -24.79
C PRO B 389 -9.86 16.73 -24.07
N ARG B 390 -9.90 17.65 -23.10
CA ARG B 390 -8.73 18.07 -22.36
C ARG B 390 -8.90 17.74 -20.89
N GLY B 391 -7.78 17.46 -20.23
CA GLY B 391 -7.82 17.17 -18.81
C GLY B 391 -8.58 15.91 -18.47
N GLY B 392 -8.66 14.97 -19.40
CA GLY B 392 -9.32 13.71 -19.11
C GLY B 392 -8.49 12.82 -18.20
N ALA B 393 -9.19 11.99 -17.44
CA ALA B 393 -8.51 11.06 -16.54
C ALA B 393 -7.65 10.10 -17.34
N ARG B 394 -6.33 10.16 -17.14
CA ARG B 394 -5.44 9.23 -17.82
C ARG B 394 -5.72 7.81 -17.35
N ARG B 395 -5.55 6.86 -18.28
CA ARG B 395 -5.98 5.49 -18.03
C ARG B 395 -5.22 4.88 -16.85
N HIS B 396 -3.92 5.12 -16.77
CA HIS B 396 -3.14 4.53 -15.69
C HIS B 396 -3.51 5.11 -14.32
N ALA B 397 -4.27 6.19 -14.29
CA ALA B 397 -4.71 6.81 -13.04
C ALA B 397 -6.12 6.34 -12.71
N GLU B 398 -6.30 5.84 -11.49
CA GLU B 398 -7.63 5.42 -11.06
C GLU B 398 -8.52 6.64 -10.85
N LEU B 399 -9.80 6.47 -11.12
CA LEU B 399 -10.78 7.55 -10.99
C LEU B 399 -11.59 7.36 -9.72
N SER B 400 -11.79 8.45 -8.98
CA SER B 400 -12.55 8.43 -7.74
C SER B 400 -13.58 9.54 -7.77
N PHE B 401 -14.86 9.17 -7.74
CA PHE B 401 -15.95 10.13 -7.75
C PHE B 401 -16.36 10.44 -6.32
N VAL B 402 -16.25 11.71 -5.94
CA VAL B 402 -16.64 12.17 -4.61
C VAL B 402 -17.98 12.87 -4.72
N PHE B 403 -18.92 12.47 -3.88
CA PHE B 403 -20.31 12.94 -3.95
C PHE B 403 -20.63 13.72 -2.68
N LEU B 404 -20.61 15.05 -2.78
CA LEU B 404 -21.03 15.91 -1.68
C LEU B 404 -22.54 16.10 -1.76
N THR B 405 -23.26 15.00 -1.57
CA THR B 405 -24.70 14.95 -1.73
C THR B 405 -25.36 14.60 -0.40
N ASP B 406 -26.40 15.37 -0.04
CA ASP B 406 -27.20 15.04 1.12
C ASP B 406 -28.01 13.77 0.92
N GLY B 407 -28.12 13.28 -0.31
CA GLY B 407 -28.85 12.06 -0.60
C GLY B 407 -30.23 12.32 -1.17
N VAL B 408 -30.92 13.33 -0.62
CA VAL B 408 -32.26 13.68 -1.08
C VAL B 408 -32.14 14.51 -2.35
N THR B 409 -32.13 13.84 -3.50
CA THR B 409 -31.93 14.51 -4.77
C THR B 409 -32.55 13.63 -5.86
N GLY B 410 -32.89 14.27 -6.98
CA GLY B 410 -33.51 13.57 -8.09
C GLY B 410 -32.82 12.27 -8.43
N ASN B 411 -33.56 11.16 -8.30
CA ASN B 411 -33.00 9.83 -8.53
C ASN B 411 -33.00 9.42 -10.00
N ASP B 412 -33.62 10.20 -10.87
CA ASP B 412 -33.77 9.80 -12.27
C ASP B 412 -32.45 9.32 -12.83
N SER B 413 -32.48 8.14 -13.45
CA SER B 413 -31.29 7.50 -14.01
C SER B 413 -30.27 7.19 -12.92
N LEU B 414 -30.72 6.44 -11.92
CA LEU B 414 -29.86 6.02 -10.82
C LEU B 414 -29.11 4.74 -11.16
N HIS B 415 -29.84 3.66 -11.45
CA HIS B 415 -29.20 2.41 -11.80
C HIS B 415 -28.43 2.54 -13.11
N GLU B 416 -28.97 3.30 -14.06
CA GLU B 416 -28.23 3.56 -15.30
C GLU B 416 -26.96 4.36 -15.02
N SER B 417 -27.06 5.37 -14.16
CA SER B 417 -25.87 6.14 -13.79
C SER B 417 -24.85 5.26 -13.06
N ALA B 418 -25.32 4.39 -12.17
CA ALA B 418 -24.42 3.48 -11.48
C ALA B 418 -23.71 2.56 -12.47
N HIS B 419 -24.45 2.04 -13.44
CA HIS B 419 -23.83 1.17 -14.46
C HIS B 419 -22.80 1.95 -15.26
N SER B 420 -23.12 3.19 -15.64
CA SER B 420 -22.17 4.00 -16.40
C SER B 420 -20.90 4.25 -15.59
N MET B 421 -21.04 4.53 -14.30
CA MET B 421 -19.87 4.70 -13.45
C MET B 421 -19.06 3.41 -13.38
N ARG B 422 -19.75 2.27 -13.25
CA ARG B 422 -19.06 0.99 -13.16
C ARG B 422 -18.28 0.70 -14.43
N ASN B 423 -18.82 1.08 -15.59
CA ASN B 423 -18.13 0.87 -16.84
C ASN B 423 -16.81 1.64 -16.88
N GLU B 424 -16.81 2.87 -16.38
CA GLU B 424 -15.64 3.73 -16.43
C GLU B 424 -14.64 3.45 -15.31
N ASN B 425 -14.76 2.31 -14.63
CA ASN B 425 -13.81 1.92 -13.59
C ASN B 425 -13.70 3.00 -12.51
N VAL B 426 -14.85 3.49 -12.06
CA VAL B 426 -14.91 4.52 -11.04
C VAL B 426 -14.89 3.86 -9.67
N VAL B 427 -14.36 4.59 -8.69
CA VAL B 427 -14.31 4.14 -7.30
C VAL B 427 -14.94 5.21 -6.43
N PRO B 428 -16.27 5.33 -6.42
CA PRO B 428 -16.90 6.46 -5.73
C PRO B 428 -16.63 6.43 -4.23
N THR B 429 -16.61 7.63 -3.64
CA THR B 429 -16.56 7.79 -2.18
C THR B 429 -17.51 8.93 -1.84
N VAL B 430 -18.76 8.59 -1.58
CA VAL B 430 -19.80 9.59 -1.35
C VAL B 430 -19.75 10.04 0.11
N LEU B 431 -20.05 11.32 0.32
CA LEU B 431 -20.16 11.90 1.65
C LEU B 431 -21.60 12.33 1.89
N ALA B 432 -22.17 11.89 3.00
CA ALA B 432 -23.55 12.21 3.36
C ALA B 432 -23.51 13.28 4.44
N LEU B 433 -23.72 14.53 4.05
CA LEU B 433 -23.62 15.67 4.96
C LEU B 433 -25.02 16.01 5.44
N GLY B 434 -25.46 15.33 6.48
CA GLY B 434 -26.77 15.58 7.05
C GLY B 434 -27.27 14.38 7.82
N SER B 435 -28.47 14.54 8.37
CA SER B 435 -29.14 13.47 9.10
C SER B 435 -30.24 12.80 8.30
N ASP B 436 -30.91 13.53 7.42
CA ASP B 436 -31.97 12.98 6.57
C ASP B 436 -31.35 12.58 5.24
N VAL B 437 -30.68 11.43 5.24
CA VAL B 437 -30.06 10.86 4.05
C VAL B 437 -30.64 9.48 3.83
N ASP B 438 -31.14 9.23 2.62
CA ASP B 438 -31.66 7.92 2.25
C ASP B 438 -30.49 6.97 2.07
N MET B 439 -30.37 5.98 2.97
CA MET B 439 -29.26 5.05 2.92
C MET B 439 -29.23 4.25 1.62
N ASP B 440 -30.40 3.98 1.03
CA ASP B 440 -30.47 3.09 -0.12
C ASP B 440 -29.94 3.77 -1.39
N VAL B 441 -30.29 5.04 -1.61
CA VAL B 441 -29.73 5.75 -2.76
C VAL B 441 -28.22 5.87 -2.60
N LEU B 442 -27.74 6.00 -1.36
CA LEU B 442 -26.31 5.99 -1.11
C LEU B 442 -25.69 4.65 -1.48
N THR B 443 -26.31 3.54 -1.08
CA THR B 443 -25.79 2.23 -1.44
C THR B 443 -25.74 2.05 -2.94
N THR B 444 -26.79 2.49 -3.64
CA THR B 444 -26.75 2.49 -5.10
C THR B 444 -25.61 3.35 -5.63
N LEU B 445 -25.38 4.50 -5.00
CA LEU B 445 -24.30 5.40 -5.41
C LEU B 445 -22.93 4.80 -5.12
N SER B 446 -22.81 4.03 -4.04
CA SER B 446 -21.53 3.47 -3.64
C SER B 446 -21.11 2.28 -4.49
N LEU B 447 -21.95 1.83 -5.42
CA LEU B 447 -21.63 0.72 -6.32
C LEU B 447 -21.46 -0.59 -5.56
N GLY B 448 -22.14 -0.73 -4.43
CA GLY B 448 -22.20 -2.00 -3.73
C GLY B 448 -21.66 -1.99 -2.33
N ASP B 449 -20.58 -1.27 -2.09
CA ASP B 449 -19.90 -1.28 -0.79
C ASP B 449 -20.35 -0.10 0.05
N ARG B 450 -20.59 -0.36 1.34
CA ARG B 450 -20.96 0.68 2.29
C ARG B 450 -19.75 1.25 3.02
N ALA B 451 -18.55 0.75 2.73
CA ALA B 451 -17.33 1.36 3.25
C ALA B 451 -16.85 2.53 2.40
N ALA B 452 -17.51 2.77 1.27
CA ALA B 452 -17.21 3.91 0.41
C ALA B 452 -18.17 5.06 0.63
N VAL B 453 -18.98 5.02 1.69
CA VAL B 453 -19.90 6.09 2.03
C VAL B 453 -19.54 6.59 3.43
N PHE B 454 -19.33 7.89 3.55
CA PHE B 454 -18.91 8.51 4.80
C PHE B 454 -20.10 9.29 5.36
N HIS B 455 -20.65 8.82 6.46
CA HIS B 455 -21.77 9.49 7.11
C HIS B 455 -21.28 10.51 8.11
N GLU B 456 -21.88 11.69 8.09
CA GLU B 456 -21.44 12.81 8.90
C GLU B 456 -22.51 13.19 9.91
N LYS B 457 -22.08 13.41 11.16
CA LYS B 457 -23.01 13.82 12.21
C LYS B 457 -23.56 15.21 11.95
N ASP B 458 -22.74 16.11 11.43
CA ASP B 458 -23.12 17.50 11.26
C ASP B 458 -22.59 18.03 9.93
N TYR B 459 -23.16 19.17 9.53
CA TYR B 459 -22.79 19.76 8.25
C TYR B 459 -21.32 20.15 8.21
N ASP B 460 -20.80 20.72 9.30
CA ASP B 460 -19.41 21.15 9.37
C ASP B 460 -18.46 20.03 9.74
N SER B 461 -18.89 18.77 9.63
CA SER B 461 -18.01 17.65 9.94
C SER B 461 -16.80 17.58 9.01
N LEU B 462 -16.85 18.25 7.87
CA LEU B 462 -15.74 18.21 6.92
C LEU B 462 -14.46 18.79 7.50
N ALA B 463 -14.56 19.67 8.49
CA ALA B 463 -13.40 20.37 9.02
C ALA B 463 -12.70 19.62 10.15
N GLN B 464 -13.32 18.60 10.73
CA GLN B 464 -12.69 17.91 11.84
C GLN B 464 -11.39 17.25 11.38
N PRO B 465 -10.30 17.40 12.14
CA PRO B 465 -9.03 16.80 11.69
C PRO B 465 -9.11 15.29 11.46
N GLY B 466 -9.82 14.56 12.32
CA GLY B 466 -9.88 13.11 12.16
C GLY B 466 -10.57 12.70 10.87
N PHE B 467 -11.72 13.30 10.58
CA PHE B 467 -12.40 12.99 9.33
C PHE B 467 -11.56 13.40 8.13
N PHE B 468 -10.92 14.56 8.20
CA PHE B 468 -10.09 15.01 7.09
C PHE B 468 -8.98 14.01 6.82
N ASP B 469 -8.30 13.56 7.87
CA ASP B 469 -7.20 12.62 7.70
C ASP B 469 -7.69 11.29 7.14
N ARG B 470 -8.79 10.77 7.71
CA ARG B 470 -9.30 9.48 7.23
C ARG B 470 -9.70 9.56 5.77
N PHE B 471 -10.45 10.61 5.40
CA PHE B 471 -10.87 10.76 4.01
C PHE B 471 -9.67 10.94 3.09
N ILE B 472 -8.68 11.74 3.52
CA ILE B 472 -7.50 11.97 2.69
C ILE B 472 -6.79 10.65 2.41
N ARG B 473 -6.60 9.84 3.45
CA ARG B 473 -6.00 8.53 3.23
C ARG B 473 -6.87 7.67 2.34
N TRP B 474 -8.20 7.82 2.44
CA TRP B 474 -9.10 7.02 1.62
C TRP B 474 -8.92 7.31 0.13
N ILE B 475 -8.99 8.59 -0.25
CA ILE B 475 -8.91 8.92 -1.67
C ILE B 475 -7.48 8.72 -2.18
N CYS B 476 -6.51 9.27 -1.47
CA CYS B 476 -5.12 9.16 -1.89
C CYS B 476 -4.65 7.73 -1.75
N GLY C 35 13.06 2.42 29.16
CA GLY C 35 12.07 1.61 28.48
C GLY C 35 12.42 0.13 28.52
N HIS C 36 11.39 -0.71 28.40
CA HIS C 36 11.56 -2.16 28.42
C HIS C 36 10.74 -2.79 27.31
N GLN C 37 11.25 -3.88 26.75
CA GLN C 37 10.50 -4.62 25.74
C GLN C 37 9.18 -5.10 26.33
N GLY C 38 8.08 -4.59 25.79
CA GLY C 38 6.76 -4.99 26.24
C GLY C 38 6.60 -6.49 26.26
N PRO C 39 5.62 -6.99 27.02
CA PRO C 39 5.45 -8.44 27.15
C PRO C 39 5.14 -9.06 25.80
N PRO C 40 5.22 -10.39 25.68
CA PRO C 40 4.82 -11.05 24.44
C PRO C 40 3.33 -11.03 24.16
N GLY C 41 2.55 -10.29 24.93
CA GLY C 41 1.11 -10.20 24.72
C GLY C 41 0.36 -11.17 25.61
N PRO C 42 -0.87 -11.50 25.22
CA PRO C 42 -1.58 -12.60 25.89
C PRO C 42 -0.79 -13.90 25.82
N ASP C 43 -0.33 -14.38 26.97
CA ASP C 43 0.37 -15.65 27.07
C ASP C 43 -0.36 -16.56 28.05
N GLU C 44 -0.47 -17.83 27.68
CA GLU C 44 -1.06 -18.82 28.58
C GLU C 44 -2.48 -18.46 28.96
N CYS C 45 -2.64 -17.79 30.11
CA CYS C 45 -3.98 -17.53 30.63
C CYS C 45 -4.79 -16.67 29.67
N GLU C 46 -4.20 -15.57 29.18
CA GLU C 46 -4.97 -14.62 28.37
C GLU C 46 -5.29 -15.19 27.01
N ILE C 47 -4.30 -15.79 26.34
CA ILE C 47 -4.52 -16.35 25.01
C ILE C 47 -5.56 -17.46 25.07
N LEU C 48 -5.45 -18.34 26.06
CA LEU C 48 -6.42 -19.42 26.21
C LEU C 48 -7.81 -18.87 26.54
N ASP C 49 -7.88 -17.84 27.39
CA ASP C 49 -9.16 -17.24 27.71
C ASP C 49 -9.84 -16.71 26.44
N ILE C 50 -9.09 -15.96 25.64
CA ILE C 50 -9.68 -15.40 24.42
C ILE C 50 -10.10 -16.52 23.48
N ILE C 51 -9.25 -17.53 23.30
CA ILE C 51 -9.55 -18.58 22.33
C ILE C 51 -10.80 -19.34 22.75
N MET C 52 -10.94 -19.64 24.03
CA MET C 52 -12.14 -20.32 24.50
C MET C 52 -13.33 -19.38 24.60
N LYS C 53 -13.11 -18.07 24.47
CA LYS C 53 -14.23 -17.13 24.46
C LYS C 53 -14.83 -16.95 23.08
N MET C 54 -14.00 -16.75 22.04
CA MET C 54 -14.55 -16.67 20.69
C MET C 54 -15.22 -17.98 20.27
N CYS C 55 -14.44 -19.04 20.15
CA CYS C 55 -14.95 -20.28 19.56
C CYS C 55 -15.63 -21.14 20.60
N SER C 56 -16.60 -20.52 21.29
CA SER C 56 -17.44 -21.22 22.25
C SER C 56 -18.81 -21.53 21.67
N CYS C 57 -18.95 -21.43 20.34
CA CYS C 57 -20.24 -21.43 19.68
C CYS C 57 -20.22 -22.29 18.44
N CYS C 58 -19.14 -23.04 18.25
CA CYS C 58 -18.98 -23.89 17.07
C CYS C 58 -18.72 -25.31 17.54
N GLU C 59 -18.40 -26.19 16.59
CA GLU C 59 -18.16 -27.60 16.89
C GLU C 59 -16.84 -28.07 16.31
#